data_8ABU
#
_entry.id   8ABU
#
_cell.length_a   113.384
_cell.length_b   66.002
_cell.length_c   107.051
_cell.angle_alpha   90.000
_cell.angle_beta   108.675
_cell.angle_gamma   90.000
#
_symmetry.space_group_name_H-M   'C 1 2 1'
#
loop_
_entity.id
_entity.type
_entity.pdbx_description
1 polymer 'SnoaL-like domain-containing protein'
2 non-polymer (1S,2R)-1,2-bis(3-methoxy-4-oxidanyl-phenyl)propane-1,3-diol
3 water water
#
_entity_poly.entity_id   1
_entity_poly.type   'polypeptide(L)'
_entity_poly.pdbx_seq_one_letter_code
;MTDVNASSESRLAALEARVTELEDLNAIRRLQWAYGYYIDYNRPEEVAGLFAKDGAVVFLSGEYVGYEGVMRLYGTWFQN
LFTGGRRGPVHGLLLDQFQLQDVITIAPDGQTAKGRFRGILAGGWHDDIVKDKPEGMPQQFWESGIYENDYVKEDGVWKI
KRLDYMMQWQADYETGWSKTIAHLQPAAVCFPENPIGPDRLLPETEVRQTWPHRAEVPMSFAHPVLAKAFAVGEFTKLQK
KWPLEHHHHHH
;
_entity_poly.pdbx_strand_id   A,B,C
#
loop_
_chem_comp.id
_chem_comp.type
_chem_comp.name
_chem_comp.formula
LJU non-polymer (1S,2R)-1,2-bis(3-methoxy-4-oxidanyl-phenyl)propane-1,3-diol 'C17 H20 O6'
#
# COMPACT_ATOMS: atom_id res chain seq x y z
N SER A 8 -4.39 -4.70 41.10
CA SER A 8 -3.62 -3.68 40.34
C SER A 8 -2.44 -4.33 39.60
N GLU A 9 -1.71 -5.24 40.25
CA GLU A 9 -0.63 -6.05 39.60
C GLU A 9 -1.22 -6.79 38.38
N SER A 10 -2.38 -7.44 38.53
CA SER A 10 -3.07 -8.22 37.47
C SER A 10 -3.38 -7.30 36.27
N ARG A 11 -3.87 -6.10 36.57
CA ARG A 11 -4.28 -5.05 35.61
C ARG A 11 -3.05 -4.52 34.88
N LEU A 12 -1.98 -4.23 35.62
CA LEU A 12 -0.72 -3.70 35.06
C LEU A 12 -0.16 -4.75 34.12
N ALA A 13 0.04 -5.98 34.62
CA ALA A 13 0.61 -7.06 33.82
C ALA A 13 -0.23 -7.22 32.54
N ALA A 14 -1.57 -7.12 32.62
CA ALA A 14 -2.47 -7.34 31.46
C ALA A 14 -2.31 -6.18 30.46
N LEU A 15 -2.17 -4.95 30.96
CA LEU A 15 -1.87 -3.77 30.11
C LEU A 15 -0.50 -3.92 29.44
N GLU A 16 0.51 -4.27 30.23
CA GLU A 16 1.89 -4.46 29.72
C GLU A 16 1.85 -5.47 28.58
N ALA A 17 1.09 -6.56 28.72
CA ALA A 17 1.02 -7.61 27.66
C ALA A 17 0.37 -7.01 26.41
N ARG A 18 -0.67 -6.22 26.59
CA ARG A 18 -1.44 -5.63 25.44
C ARG A 18 -0.54 -4.67 24.67
N VAL A 19 0.22 -3.84 25.40
CA VAL A 19 1.18 -2.89 24.76
C VAL A 19 2.29 -3.69 24.06
N THR A 20 2.80 -4.76 24.67
CA THR A 20 3.82 -5.64 24.03
C THR A 20 3.26 -6.19 22.69
N GLU A 21 2.02 -6.64 22.65
CA GLU A 21 1.47 -7.21 21.41
C GLU A 21 1.38 -6.12 20.31
N LEU A 22 0.99 -4.91 20.69
CA LEU A 22 0.88 -3.78 19.73
C LEU A 22 2.29 -3.46 19.17
N GLU A 23 3.29 -3.44 20.04
CA GLU A 23 4.70 -3.25 19.62
C GLU A 23 5.14 -4.40 18.70
N ASP A 24 4.77 -5.64 19.05
CA ASP A 24 5.18 -6.84 18.28
C ASP A 24 4.62 -6.70 16.85
N LEU A 25 3.33 -6.34 16.68
CA LEU A 25 2.72 -6.20 15.32
C LEU A 25 3.51 -5.18 14.54
N ASN A 26 3.80 -4.02 15.13
CA ASN A 26 4.56 -2.96 14.44
C ASN A 26 5.94 -3.49 14.06
N ALA A 27 6.59 -4.24 14.95
CA ALA A 27 7.96 -4.70 14.68
C ALA A 27 7.97 -5.71 13.52
N ILE A 28 7.00 -6.61 13.47
CA ILE A 28 6.94 -7.63 12.41
C ILE A 28 6.64 -6.93 11.08
N ARG A 29 5.66 -6.00 11.05
CA ARG A 29 5.38 -5.25 9.79
C ARG A 29 6.65 -4.52 9.33
N ARG A 30 7.38 -3.92 10.27
CA ARG A 30 8.66 -3.21 9.97
C ARG A 30 9.67 -4.13 9.29
N LEU A 31 9.77 -5.40 9.68
CA LEU A 31 10.74 -6.32 9.04
C LEU A 31 10.39 -6.40 7.53
N GLN A 32 9.12 -6.58 7.20
CA GLN A 32 8.71 -6.71 5.77
C GLN A 32 8.91 -5.41 5.03
N TRP A 33 8.58 -4.25 5.63
CA TRP A 33 8.68 -2.95 4.92
C TRP A 33 10.16 -2.61 4.69
N ALA A 34 11.01 -2.88 5.68
CA ALA A 34 12.48 -2.69 5.58
C ALA A 34 13.06 -3.65 4.54
N TYR A 35 12.67 -4.93 4.64
CA TYR A 35 13.06 -5.97 3.66
C TYR A 35 12.88 -5.40 2.26
N GLY A 36 11.70 -4.86 2.00
CA GLY A 36 11.42 -4.30 0.68
C GLY A 36 12.37 -3.17 0.24
N TYR A 37 12.60 -2.21 1.13
CA TYR A 37 13.52 -1.10 0.81
C TYR A 37 14.93 -1.64 0.55
N TYR A 38 15.37 -2.68 1.27
CA TYR A 38 16.70 -3.30 1.00
C TYR A 38 16.71 -4.04 -0.35
N ILE A 39 15.71 -4.83 -0.67
CA ILE A 39 15.73 -5.63 -1.94
C ILE A 39 15.63 -4.73 -3.15
N ASP A 40 14.92 -3.60 -3.05
CA ASP A 40 14.77 -2.64 -4.15
C ASP A 40 16.14 -2.08 -4.53
N TYR A 41 17.08 -2.10 -3.58
CA TYR A 41 18.44 -1.56 -3.77
C TYR A 41 19.44 -2.70 -3.98
N ASN A 42 18.99 -3.96 -4.14
CA ASN A 42 19.89 -5.12 -4.30
C ASN A 42 20.94 -5.09 -3.19
N ARG A 43 20.51 -4.96 -1.95
CA ARG A 43 21.40 -4.93 -0.76
C ARG A 43 21.21 -6.20 0.04
N PRO A 44 21.91 -7.29 -0.32
CA PRO A 44 21.67 -8.59 0.31
C PRO A 44 22.13 -8.68 1.78
N GLU A 45 23.11 -7.87 2.18
CA GLU A 45 23.68 -7.90 3.55
C GLU A 45 22.59 -7.51 4.54
N GLU A 46 21.92 -6.39 4.27
CA GLU A 46 20.82 -5.89 5.15
C GLU A 46 19.70 -6.93 5.19
N VAL A 47 19.41 -7.52 4.05
CA VAL A 47 18.36 -8.59 3.97
C VAL A 47 18.74 -9.76 4.89
N ALA A 48 19.93 -10.35 4.72
CA ALA A 48 20.39 -11.48 5.55
C ALA A 48 20.32 -11.11 7.03
N GLY A 49 20.64 -9.88 7.43
CA GLY A 49 20.66 -9.48 8.84
C GLY A 49 19.27 -9.42 9.46
N LEU A 50 18.22 -9.50 8.64
CA LEU A 50 16.84 -9.54 9.15
C LEU A 50 16.51 -10.93 9.68
N PHE A 51 17.29 -11.95 9.30
CA PHE A 51 16.93 -13.36 9.54
C PHE A 51 17.52 -13.86 10.87
N ALA A 52 16.77 -14.73 11.52
CA ALA A 52 17.32 -15.64 12.54
C ALA A 52 18.47 -16.44 11.90
N LYS A 53 19.48 -16.89 12.65
CA LYS A 53 20.65 -17.58 12.01
C LYS A 53 20.23 -18.93 11.44
N ASP A 54 19.15 -19.53 11.96
CA ASP A 54 18.58 -20.76 11.39
C ASP A 54 17.34 -20.44 10.50
N GLY A 55 17.23 -19.24 9.99
CA GLY A 55 16.12 -18.82 9.11
C GLY A 55 16.28 -19.37 7.70
N ALA A 56 15.25 -19.22 6.88
CA ALA A 56 15.27 -19.77 5.52
C ALA A 56 14.38 -18.92 4.65
N VAL A 57 14.72 -18.87 3.37
CA VAL A 57 13.86 -18.28 2.31
C VAL A 57 13.41 -19.42 1.40
N VAL A 58 12.11 -19.46 1.13
CA VAL A 58 11.48 -20.43 0.21
C VAL A 58 11.26 -19.68 -1.09
N PHE A 59 11.92 -20.08 -2.15
CA PHE A 59 11.84 -19.43 -3.46
C PHE A 59 11.81 -20.55 -4.49
N LEU A 60 10.77 -20.53 -5.35
CA LEU A 60 10.57 -21.53 -6.45
C LEU A 60 10.78 -22.93 -5.90
N SER A 61 10.06 -23.28 -4.83
CA SER A 61 10.02 -24.66 -4.31
C SER A 61 11.41 -25.17 -3.91
N GLY A 62 12.35 -24.28 -3.51
CA GLY A 62 13.51 -24.71 -2.70
C GLY A 62 13.68 -23.84 -1.48
N GLU A 63 14.50 -24.28 -0.52
CA GLU A 63 14.86 -23.51 0.69
C GLU A 63 16.33 -23.09 0.63
N TYR A 64 16.55 -21.81 0.84
CA TYR A 64 17.86 -21.16 0.98
C TYR A 64 18.02 -20.93 2.48
N VAL A 65 19.01 -21.59 3.09
CA VAL A 65 19.08 -21.72 4.58
C VAL A 65 20.17 -20.80 5.14
N GLY A 66 19.86 -20.02 6.16
CA GLY A 66 20.80 -19.24 6.97
C GLY A 66 21.37 -18.04 6.23
N TYR A 67 22.33 -17.33 6.88
CA TYR A 67 22.99 -16.17 6.25
C TYR A 67 23.56 -16.63 4.91
N GLU A 68 24.11 -17.85 4.83
CA GLU A 68 24.77 -18.27 3.57
C GLU A 68 23.73 -18.34 2.46
N GLY A 69 22.61 -18.99 2.73
CA GLY A 69 21.55 -19.22 1.73
C GLY A 69 20.98 -17.88 1.30
N VAL A 70 20.75 -17.00 2.25
CA VAL A 70 20.15 -15.66 1.96
C VAL A 70 21.13 -14.82 1.14
N MET A 71 22.42 -14.84 1.49
CA MET A 71 23.42 -14.09 0.68
C MET A 71 23.51 -14.72 -0.71
N ARG A 72 23.37 -16.05 -0.81
CA ARG A 72 23.50 -16.68 -2.12
C ARG A 72 22.32 -16.28 -3.03
N LEU A 73 21.12 -16.26 -2.48
CA LEU A 73 19.91 -15.95 -3.30
C LEU A 73 19.96 -14.46 -3.71
N TYR A 74 20.12 -13.58 -2.76
CA TYR A 74 19.95 -12.13 -3.04
C TYR A 74 21.24 -11.52 -3.59
N GLY A 75 22.38 -12.09 -3.22
CA GLY A 75 23.70 -11.61 -3.65
C GLY A 75 24.22 -12.37 -4.83
N THR A 76 24.64 -13.61 -4.62
CA THR A 76 25.30 -14.40 -5.67
C THR A 76 24.38 -14.50 -6.89
N TRP A 77 23.10 -14.76 -6.67
CA TRP A 77 22.16 -14.82 -7.80
C TRP A 77 21.64 -13.40 -8.15
N PHE A 78 20.76 -12.81 -7.34
CA PHE A 78 19.99 -11.64 -7.86
C PHE A 78 20.90 -10.41 -8.10
N GLN A 79 21.78 -10.11 -7.17
CA GLN A 79 22.61 -8.88 -7.33
C GLN A 79 23.51 -9.03 -8.54
N ASN A 80 24.12 -10.20 -8.72
CA ASN A 80 24.93 -10.42 -9.92
C ASN A 80 24.07 -10.26 -11.16
N LEU A 81 22.89 -10.85 -11.19
CA LEU A 81 21.97 -10.80 -12.36
C LEU A 81 21.61 -9.36 -12.73
N PHE A 82 21.17 -8.57 -11.76
CA PHE A 82 20.53 -7.25 -12.00
C PHE A 82 21.56 -6.10 -12.05
N THR A 83 22.60 -6.10 -11.21
CA THR A 83 23.52 -4.92 -11.12
C THR A 83 24.97 -5.29 -11.46
N GLY A 84 25.24 -6.53 -11.83
CA GLY A 84 26.61 -7.00 -12.01
C GLY A 84 27.35 -7.16 -10.70
N GLY A 85 26.69 -7.35 -9.55
CA GLY A 85 27.39 -7.62 -8.28
C GLY A 85 27.73 -6.33 -7.54
N ARG A 86 26.96 -5.24 -7.76
CA ARG A 86 27.09 -3.98 -7.03
C ARG A 86 25.86 -3.79 -6.14
N ARG A 87 26.10 -3.34 -4.92
CA ARG A 87 25.03 -2.78 -4.08
C ARG A 87 24.37 -1.64 -4.86
N GLY A 88 23.03 -1.63 -4.88
CA GLY A 88 22.30 -0.62 -5.66
C GLY A 88 21.87 0.55 -4.81
N PRO A 89 21.10 1.49 -5.38
CA PRO A 89 20.62 1.43 -6.76
C PRO A 89 21.69 1.86 -7.75
N VAL A 90 21.51 1.46 -9.00
CA VAL A 90 22.47 1.81 -10.08
C VAL A 90 21.72 2.39 -11.27
N HIS A 91 22.42 3.18 -12.06
CA HIS A 91 21.93 3.77 -13.34
C HIS A 91 21.11 2.75 -14.13
N GLY A 92 19.91 3.15 -14.48
CA GLY A 92 19.04 2.47 -15.45
C GLY A 92 18.42 1.17 -14.95
N LEU A 93 18.60 0.76 -13.68
CA LEU A 93 18.06 -0.52 -13.20
C LEU A 93 16.94 -0.20 -12.22
N LEU A 94 15.75 -0.67 -12.56
CA LEU A 94 14.54 -0.51 -11.71
C LEU A 94 14.14 -1.88 -11.17
N LEU A 95 13.96 -2.00 -9.83
CA LEU A 95 13.45 -3.25 -9.27
C LEU A 95 12.69 -2.88 -8.00
N ASP A 96 11.59 -2.14 -8.20
CA ASP A 96 10.78 -1.65 -7.06
C ASP A 96 9.72 -2.67 -6.73
N GLN A 97 9.83 -3.33 -5.57
CA GLN A 97 8.78 -4.27 -5.13
C GLN A 97 8.00 -3.60 -4.00
N PHE A 98 7.03 -2.82 -4.37
CA PHE A 98 6.08 -2.17 -3.42
C PHE A 98 5.55 -3.21 -2.45
N GLN A 99 5.62 -2.94 -1.12
CA GLN A 99 5.15 -3.90 -0.09
C GLN A 99 3.83 -3.39 0.52
N LEU A 100 2.86 -4.29 0.66
CA LEU A 100 1.58 -3.89 1.26
C LEU A 100 0.72 -5.01 1.84
N GLN A 101 -0.32 -4.57 2.56
CA GLN A 101 -1.49 -5.42 2.93
C GLN A 101 -1.07 -6.50 3.93
N ASP A 102 -0.49 -6.07 5.03
CA ASP A 102 -0.05 -6.95 6.14
C ASP A 102 -1.24 -7.51 6.93
N VAL A 103 -1.25 -8.83 7.13
CA VAL A 103 -2.15 -9.46 8.15
C VAL A 103 -1.29 -10.40 8.98
N ILE A 104 -1.01 -9.95 10.19
CA ILE A 104 -0.03 -10.58 11.10
C ILE A 104 -0.78 -11.23 12.26
N THR A 105 -0.38 -12.45 12.62
CA THR A 105 -0.95 -13.26 13.73
C THR A 105 0.21 -13.63 14.65
N ILE A 106 0.26 -13.03 15.84
CA ILE A 106 1.23 -13.39 16.90
C ILE A 106 0.74 -14.65 17.58
N ALA A 107 1.58 -15.67 17.73
CA ALA A 107 1.18 -16.92 18.41
C ALA A 107 0.75 -16.60 19.84
N PRO A 108 -0.12 -17.43 20.45
CA PRO A 108 -0.49 -17.23 21.88
C PRO A 108 0.71 -16.97 22.83
N ASP A 109 1.87 -17.60 22.63
CA ASP A 109 3.00 -17.46 23.57
C ASP A 109 3.79 -16.17 23.30
N GLY A 110 3.49 -15.43 22.21
CA GLY A 110 4.20 -14.17 21.91
C GLY A 110 5.62 -14.36 21.42
N GLN A 111 6.01 -15.59 21.09
CA GLN A 111 7.45 -15.90 20.79
C GLN A 111 7.64 -16.21 19.30
N THR A 112 6.56 -16.44 18.56
CA THR A 112 6.60 -16.66 17.11
C THR A 112 5.40 -15.92 16.53
N ALA A 113 5.40 -15.76 15.21
CA ALA A 113 4.29 -15.07 14.53
C ALA A 113 4.28 -15.51 13.07
N LYS A 114 3.13 -15.30 12.45
CA LYS A 114 2.95 -15.49 11.01
C LYS A 114 2.49 -14.16 10.44
N GLY A 115 2.80 -13.92 9.17
CA GLY A 115 2.23 -12.75 8.50
C GLY A 115 2.06 -13.01 7.03
N ARG A 116 0.91 -12.59 6.54
CA ARG A 116 0.64 -12.50 5.07
C ARG A 116 0.95 -11.08 4.62
N PHE A 117 1.57 -10.95 3.45
CA PHE A 117 1.88 -9.65 2.86
C PHE A 117 1.80 -9.86 1.37
N ARG A 118 1.99 -8.81 0.62
CA ARG A 118 2.09 -8.96 -0.82
C ARG A 118 2.98 -7.88 -1.42
N GLY A 119 3.51 -8.19 -2.60
CA GLY A 119 4.31 -7.21 -3.28
C GLY A 119 3.91 -7.05 -4.70
N ILE A 120 4.10 -5.84 -5.22
CA ILE A 120 3.96 -5.60 -6.67
C ILE A 120 5.26 -4.95 -7.16
N LEU A 121 5.87 -5.60 -8.15
CA LEU A 121 7.21 -5.29 -8.66
C LEU A 121 7.03 -4.57 -10.00
N ALA A 122 7.63 -3.38 -10.10
CA ALA A 122 7.87 -2.70 -11.36
C ALA A 122 9.38 -2.83 -11.60
N GLY A 123 9.76 -3.44 -12.69
CA GLY A 123 11.13 -3.85 -12.90
C GLY A 123 11.58 -3.61 -14.32
N GLY A 124 12.87 -3.31 -14.49
CA GLY A 124 13.41 -3.27 -15.85
C GLY A 124 14.79 -2.68 -15.98
N TRP A 125 15.32 -2.93 -17.19
CA TRP A 125 16.58 -2.36 -17.67
C TRP A 125 16.22 -1.19 -18.57
N HIS A 126 16.63 0.03 -18.20
CA HIS A 126 16.49 1.17 -19.13
C HIS A 126 17.26 0.86 -20.42
N ASP A 127 16.81 1.43 -21.52
CA ASP A 127 17.53 1.38 -22.80
C ASP A 127 19.05 1.68 -22.63
N ASP A 128 19.44 2.55 -21.68
CA ASP A 128 20.89 2.87 -21.43
C ASP A 128 21.67 1.62 -20.97
N ILE A 129 21.05 0.60 -20.36
CA ILE A 129 21.82 -0.53 -19.79
C ILE A 129 21.28 -1.86 -20.26
N VAL A 130 20.36 -1.89 -21.25
CA VAL A 130 19.72 -3.17 -21.65
C VAL A 130 20.77 -4.07 -22.34
N LYS A 131 21.92 -3.52 -22.72
CA LYS A 131 23.06 -4.32 -23.25
C LYS A 131 23.46 -5.37 -22.22
N ASP A 132 23.23 -5.11 -20.92
CA ASP A 132 23.64 -6.00 -19.81
C ASP A 132 22.51 -6.93 -19.37
N LYS A 133 21.35 -6.85 -19.98
CA LYS A 133 20.21 -7.71 -19.61
C LYS A 133 20.49 -9.13 -20.07
N PRO A 134 20.27 -10.16 -19.22
CA PRO A 134 20.39 -11.54 -19.69
C PRO A 134 19.34 -11.86 -20.76
N GLU A 135 19.71 -12.73 -21.69
CA GLU A 135 18.79 -13.24 -22.75
C GLU A 135 17.61 -13.93 -22.07
N GLY A 136 16.43 -13.83 -22.65
CA GLY A 136 15.23 -14.53 -22.15
C GLY A 136 14.52 -13.79 -21.02
N MET A 137 15.05 -12.67 -20.57
CA MET A 137 14.32 -11.81 -19.58
C MET A 137 13.67 -10.66 -20.32
N PRO A 138 12.43 -10.25 -19.98
CA PRO A 138 11.82 -9.10 -20.60
C PRO A 138 12.58 -7.84 -20.13
N GLN A 139 12.63 -6.83 -21.00
CA GLN A 139 13.31 -5.55 -20.70
C GLN A 139 12.58 -4.83 -19.55
N GLN A 140 11.25 -4.85 -19.56
CA GLN A 140 10.48 -4.18 -18.47
C GLN A 140 9.20 -4.99 -18.18
N PHE A 141 8.90 -5.13 -16.89
CA PHE A 141 7.93 -6.14 -16.46
C PHE A 141 7.27 -5.67 -15.18
N TRP A 142 6.07 -6.21 -14.99
CA TRP A 142 5.35 -6.23 -13.70
C TRP A 142 5.36 -7.66 -13.13
N GLU A 143 5.36 -7.78 -11.80
CA GLU A 143 5.20 -9.08 -11.13
C GLU A 143 4.51 -8.83 -9.81
N SER A 144 3.66 -9.74 -9.39
CA SER A 144 3.10 -9.67 -8.02
C SER A 144 3.21 -11.03 -7.36
N GLY A 145 3.40 -11.04 -6.04
CA GLY A 145 3.41 -12.30 -5.33
C GLY A 145 2.91 -12.11 -3.92
N ILE A 146 2.62 -13.22 -3.28
CA ILE A 146 2.09 -13.27 -1.89
C ILE A 146 3.19 -13.84 -1.01
N TYR A 147 3.35 -13.23 0.17
CA TYR A 147 4.21 -13.76 1.24
C TYR A 147 3.33 -14.38 2.32
N GLU A 148 3.73 -15.56 2.78
CA GLU A 148 3.21 -16.14 4.05
C GLU A 148 4.45 -16.53 4.88
N ASN A 149 4.83 -15.66 5.79
CA ASN A 149 6.13 -15.68 6.45
C ASN A 149 5.96 -16.16 7.88
N ASP A 150 7.06 -16.56 8.48
CA ASP A 150 7.15 -16.95 9.91
C ASP A 150 8.22 -16.08 10.56
N TYR A 151 8.01 -15.78 11.83
CA TYR A 151 8.84 -14.86 12.62
C TYR A 151 9.16 -15.54 13.96
N VAL A 152 10.27 -15.12 14.56
CA VAL A 152 10.66 -15.54 15.92
C VAL A 152 11.06 -14.30 16.67
N LYS A 153 10.75 -14.28 17.97
CA LYS A 153 11.24 -13.23 18.87
C LYS A 153 12.41 -13.87 19.63
N GLU A 154 13.63 -13.44 19.31
CA GLU A 154 14.88 -14.01 19.86
C GLU A 154 15.53 -12.95 20.70
N ASP A 155 15.68 -13.21 22.00
CA ASP A 155 16.37 -12.27 22.90
C ASP A 155 15.67 -10.94 22.75
N GLY A 156 14.33 -10.95 22.73
CA GLY A 156 13.51 -9.73 22.71
C GLY A 156 13.43 -9.05 21.34
N VAL A 157 14.03 -9.60 20.29
CA VAL A 157 14.08 -8.96 18.94
C VAL A 157 13.36 -9.86 17.94
N TRP A 158 12.42 -9.29 17.17
CA TRP A 158 11.71 -10.03 16.11
C TRP A 158 12.63 -10.19 14.92
N LYS A 159 12.67 -11.40 14.39
CA LYS A 159 13.49 -11.70 13.21
C LYS A 159 12.69 -12.56 12.26
N ILE A 160 13.09 -12.53 10.98
CA ILE A 160 12.45 -13.43 10.00
C ILE A 160 12.96 -14.86 10.23
N LYS A 161 12.05 -15.81 10.39
CA LYS A 161 12.36 -17.24 10.54
C LYS A 161 12.22 -17.91 9.17
N ARG A 162 11.13 -17.60 8.45
CA ARG A 162 10.88 -18.23 7.14
C ARG A 162 10.21 -17.18 6.28
N LEU A 163 10.86 -16.85 5.16
CA LEU A 163 10.30 -15.92 4.16
C LEU A 163 9.86 -16.74 2.96
N ASP A 164 8.58 -16.78 2.70
CA ASP A 164 8.01 -17.63 1.65
C ASP A 164 7.24 -16.74 0.70
N TYR A 165 7.88 -16.44 -0.41
CA TYR A 165 7.34 -15.56 -1.45
C TYR A 165 6.85 -16.45 -2.58
N MET A 166 5.56 -16.37 -2.90
CA MET A 166 4.96 -17.19 -3.97
C MET A 166 4.49 -16.25 -5.08
N MET A 167 5.24 -16.21 -6.19
CA MET A 167 4.89 -15.34 -7.34
C MET A 167 3.52 -15.76 -7.85
N GLN A 168 2.65 -14.80 -8.09
CA GLN A 168 1.28 -15.10 -8.55
C GLN A 168 1.13 -14.80 -10.05
N TRP A 169 1.72 -13.71 -10.51
CA TRP A 169 1.68 -13.37 -11.95
C TRP A 169 2.87 -12.52 -12.30
N GLN A 170 3.15 -12.48 -13.60
CA GLN A 170 4.20 -11.70 -14.24
C GLN A 170 3.63 -11.23 -15.57
N ALA A 171 4.11 -10.09 -16.05
CA ALA A 171 3.71 -9.49 -17.33
C ALA A 171 4.90 -8.75 -17.90
N ASP A 172 5.11 -8.88 -19.19
CA ASP A 172 5.91 -7.93 -19.96
C ASP A 172 5.13 -6.63 -19.97
N TYR A 173 5.78 -5.51 -19.75
CA TYR A 173 5.08 -4.21 -19.68
C TYR A 173 4.23 -4.01 -20.94
N GLU A 174 4.80 -4.33 -22.10
CA GLU A 174 4.19 -4.05 -23.42
C GLU A 174 2.91 -4.93 -23.59
N THR A 175 2.88 -6.17 -23.12
CA THR A 175 1.78 -7.09 -23.54
C THR A 175 0.79 -7.37 -22.43
N GLY A 176 1.18 -7.29 -21.16
CA GLY A 176 0.29 -7.43 -20.02
C GLY A 176 0.14 -8.90 -19.60
N TRP A 177 -0.41 -9.08 -18.40
CA TRP A 177 -0.47 -10.40 -17.73
C TRP A 177 -1.28 -11.42 -18.56
N SER A 178 -2.26 -10.97 -19.34
CA SER A 178 -3.12 -11.90 -20.11
C SER A 178 -2.32 -12.59 -21.22
N LYS A 179 -1.18 -12.02 -21.63
CA LYS A 179 -0.45 -12.49 -22.83
C LYS A 179 0.87 -13.15 -22.43
N THR A 180 1.16 -13.37 -21.15
CA THR A 180 2.35 -14.14 -20.71
C THR A 180 2.22 -15.62 -21.16
N ILE A 181 3.29 -16.18 -21.71
CA ILE A 181 3.40 -17.61 -22.13
C ILE A 181 3.68 -18.47 -20.91
N GLN A 185 8.98 -25.33 -16.56
CA GLN A 185 9.65 -24.94 -15.28
C GLN A 185 10.31 -26.16 -14.63
N PRO A 186 11.65 -26.40 -14.79
CA PRO A 186 12.24 -27.66 -14.31
C PRO A 186 12.26 -27.69 -12.76
N ALA A 187 12.47 -28.88 -12.18
CA ALA A 187 12.90 -29.04 -10.76
C ALA A 187 14.28 -28.35 -10.63
N ALA A 188 14.52 -27.71 -9.49
CA ALA A 188 15.78 -27.04 -9.20
C ALA A 188 16.86 -28.09 -9.01
N VAL A 189 18.08 -27.74 -9.33
CA VAL A 189 19.29 -28.44 -8.82
C VAL A 189 19.73 -27.66 -7.59
N CYS A 190 20.07 -28.35 -6.52
CA CYS A 190 20.53 -27.72 -5.28
C CYS A 190 21.96 -27.21 -5.39
N PHE A 191 22.24 -26.17 -4.62
CA PHE A 191 23.59 -25.81 -4.15
C PHE A 191 24.12 -27.06 -3.42
N PRO A 192 25.42 -27.38 -3.50
CA PRO A 192 26.39 -26.59 -4.26
C PRO A 192 26.60 -26.94 -5.74
N GLU A 193 26.04 -28.03 -6.23
CA GLU A 193 26.23 -28.40 -7.64
C GLU A 193 25.74 -27.26 -8.54
N ASN A 194 24.65 -26.61 -8.12
CA ASN A 194 24.12 -25.40 -8.77
C ASN A 194 24.56 -24.24 -7.89
N PRO A 195 25.50 -23.41 -8.35
CA PRO A 195 26.05 -22.33 -7.54
C PRO A 195 25.03 -21.33 -7.00
N ILE A 196 23.87 -21.21 -7.67
CA ILE A 196 22.79 -20.31 -7.19
C ILE A 196 21.56 -21.08 -6.73
N GLY A 197 21.71 -22.39 -6.48
CA GLY A 197 20.57 -23.25 -6.16
C GLY A 197 20.19 -23.17 -4.67
N PRO A 198 19.02 -23.74 -4.33
CA PRO A 198 18.66 -23.89 -2.92
C PRO A 198 19.49 -24.96 -2.18
N ASP A 199 19.48 -24.89 -0.86
CA ASP A 199 20.12 -25.88 0.02
C ASP A 199 19.32 -27.17 -0.09
N ARG A 200 18.01 -27.11 -0.19
CA ARG A 200 17.18 -28.35 -0.33
C ARG A 200 15.90 -28.03 -1.08
N LEU A 201 15.27 -29.06 -1.65
CA LEU A 201 14.02 -28.88 -2.43
C LEU A 201 12.85 -29.11 -1.49
N LEU A 202 11.71 -28.47 -1.75
CA LEU A 202 10.42 -28.80 -1.07
C LEU A 202 9.95 -30.14 -1.65
N PRO A 203 9.13 -30.93 -0.92
CA PRO A 203 8.44 -32.09 -1.52
C PRO A 203 7.57 -31.73 -2.76
N GLU A 204 7.59 -32.59 -3.79
CA GLU A 204 6.89 -32.43 -5.09
C GLU A 204 5.47 -31.87 -4.86
N THR A 205 4.80 -32.42 -3.85
CA THR A 205 3.45 -32.03 -3.37
C THR A 205 3.39 -30.52 -3.05
N GLU A 206 4.52 -29.88 -2.74
CA GLU A 206 4.58 -28.42 -2.42
C GLU A 206 5.12 -27.61 -3.60
N VAL A 207 5.62 -28.26 -4.65
CA VAL A 207 6.10 -27.58 -5.88
C VAL A 207 4.94 -26.72 -6.44
N ARG A 208 5.25 -25.48 -6.87
CA ARG A 208 4.30 -24.56 -7.55
C ARG A 208 4.72 -24.40 -9.02
N GLN A 209 3.79 -24.58 -9.97
CA GLN A 209 3.91 -24.13 -11.38
C GLN A 209 3.41 -22.68 -11.44
N THR A 210 3.81 -21.93 -12.47
CA THR A 210 3.62 -20.46 -12.47
C THR A 210 2.46 -20.04 -13.39
N TRP A 211 2.04 -18.79 -13.21
CA TRP A 211 1.02 -18.05 -13.98
C TRP A 211 1.20 -18.41 -15.44
N PRO A 212 0.19 -18.82 -16.20
CA PRO A 212 -1.22 -18.74 -15.82
C PRO A 212 -1.78 -19.80 -14.86
N HIS A 213 -1.00 -20.80 -14.53
CA HIS A 213 -1.36 -21.75 -13.47
C HIS A 213 -1.49 -21.01 -12.13
N ARG A 214 -2.51 -21.32 -11.37
CA ARG A 214 -2.73 -20.70 -10.05
C ARG A 214 -2.91 -21.79 -8.99
N ALA A 215 -2.63 -21.41 -7.77
CA ALA A 215 -2.78 -22.30 -6.58
C ALA A 215 -3.03 -21.35 -5.42
N GLU A 216 -4.02 -21.62 -4.62
CA GLU A 216 -4.26 -20.89 -3.38
C GLU A 216 -2.99 -20.89 -2.52
N VAL A 217 -2.80 -19.78 -1.86
CA VAL A 217 -1.91 -19.63 -0.69
C VAL A 217 -2.83 -19.51 0.49
N PRO A 218 -3.03 -20.60 1.26
CA PRO A 218 -3.95 -20.53 2.39
C PRO A 218 -3.63 -19.34 3.30
N MET A 219 -4.64 -18.76 3.93
CA MET A 219 -4.48 -17.60 4.82
C MET A 219 -3.83 -18.13 6.11
N SER A 220 -2.83 -17.45 6.62
CA SER A 220 -2.27 -17.74 7.95
C SER A 220 -3.20 -17.22 9.05
N PHE A 221 -4.14 -16.33 8.72
CA PHE A 221 -5.00 -15.64 9.71
C PHE A 221 -6.37 -16.34 9.75
N ALA A 222 -6.91 -16.38 10.95
CA ALA A 222 -8.29 -16.79 11.23
C ALA A 222 -9.22 -15.74 10.63
N HIS A 223 -10.44 -16.15 10.30
CA HIS A 223 -11.49 -15.17 9.95
C HIS A 223 -11.59 -14.12 11.04
N PRO A 224 -11.48 -12.82 10.69
CA PRO A 224 -11.36 -11.79 11.70
C PRO A 224 -12.62 -11.52 12.53
N VAL A 225 -13.77 -11.98 12.03
CA VAL A 225 -15.08 -11.77 12.72
C VAL A 225 -15.52 -13.11 13.32
N LEU A 226 -15.53 -14.19 12.55
CA LEU A 226 -16.15 -15.45 13.00
C LEU A 226 -15.13 -16.38 13.64
N ALA A 227 -13.83 -16.17 13.43
CA ALA A 227 -12.74 -16.98 14.03
C ALA A 227 -12.96 -18.46 13.66
N LYS A 228 -12.76 -19.36 14.63
CA LYS A 228 -12.92 -20.84 14.51
C LYS A 228 -14.33 -21.22 14.04
N ALA A 229 -15.34 -20.43 14.41
CA ALA A 229 -16.77 -20.68 14.08
C ALA A 229 -17.00 -20.54 12.57
N PHE A 230 -16.11 -19.89 11.81
CA PHE A 230 -16.37 -19.64 10.38
C PHE A 230 -16.46 -20.98 9.66
N ALA A 231 -17.58 -21.25 8.99
CA ALA A 231 -17.72 -22.41 8.10
C ALA A 231 -18.22 -21.94 6.73
N VAL A 232 -17.48 -22.27 5.67
CA VAL A 232 -17.79 -21.84 4.28
C VAL A 232 -19.20 -22.31 3.87
N GLY A 233 -19.47 -23.61 4.04
CA GLY A 233 -20.68 -24.28 3.51
C GLY A 233 -21.97 -23.57 3.92
N GLU A 234 -22.03 -23.02 5.15
CA GLU A 234 -23.21 -22.31 5.72
C GLU A 234 -23.58 -21.18 4.77
N PHE A 235 -22.56 -20.42 4.36
CA PHE A 235 -22.73 -19.24 3.47
C PHE A 235 -22.97 -19.71 2.04
N THR A 236 -22.28 -20.78 1.56
CA THR A 236 -22.40 -21.20 0.13
C THR A 236 -23.87 -21.49 -0.20
N LYS A 237 -24.64 -21.98 0.78
CA LYS A 237 -26.10 -22.26 0.63
C LYS A 237 -26.86 -21.04 0.09
N LEU A 238 -26.39 -19.81 0.37
CA LEU A 238 -27.11 -18.55 0.03
C LEU A 238 -26.86 -18.16 -1.43
N GLN A 239 -25.85 -18.76 -2.08
CA GLN A 239 -25.45 -18.41 -3.47
C GLN A 239 -26.28 -19.21 -4.48
N LYS A 240 -26.64 -18.62 -5.62
CA LYS A 240 -27.42 -19.25 -6.72
C LYS A 240 -26.59 -19.26 -8.00
N LYS A 241 -26.99 -20.05 -9.01
CA LYS A 241 -26.35 -20.05 -10.34
C LYS A 241 -26.84 -18.84 -11.14
N TRP A 242 -25.99 -18.33 -12.05
CA TRP A 242 -26.24 -17.15 -12.91
C TRP A 242 -25.22 -17.14 -14.05
N ASP B 3 0.65 13.20 34.19
CA ASP B 3 0.06 14.06 35.26
C ASP B 3 0.34 13.44 36.63
N VAL B 4 1.41 13.91 37.29
CA VAL B 4 1.79 13.47 38.67
C VAL B 4 0.74 13.85 39.69
N ASN B 5 -0.20 14.71 39.34
CA ASN B 5 -1.26 15.10 40.30
C ASN B 5 -2.52 14.28 40.10
N ALA B 6 -2.61 13.38 39.11
CA ALA B 6 -3.81 12.53 38.90
C ALA B 6 -3.68 11.25 39.77
N SER B 7 -4.81 10.68 40.21
CA SER B 7 -4.82 9.38 40.95
C SER B 7 -4.28 8.26 40.06
N SER B 8 -3.74 7.21 40.66
CA SER B 8 -3.27 6.03 39.90
C SER B 8 -4.45 5.38 39.14
N GLU B 9 -5.63 5.30 39.76
CA GLU B 9 -6.87 4.78 39.14
C GLU B 9 -7.19 5.55 37.86
N SER B 10 -7.18 6.89 37.90
CA SER B 10 -7.55 7.74 36.73
C SER B 10 -6.54 7.46 35.60
N ARG B 11 -5.26 7.32 35.95
CA ARG B 11 -4.13 7.09 35.02
C ARG B 11 -4.27 5.71 34.37
N LEU B 12 -4.57 4.70 35.17
CA LEU B 12 -4.78 3.31 34.67
C LEU B 12 -5.95 3.30 33.72
N ALA B 13 -7.10 3.78 34.17
CA ALA B 13 -8.32 3.79 33.35
C ALA B 13 -8.02 4.49 32.01
N ALA B 14 -7.27 5.61 32.04
CA ALA B 14 -7.01 6.43 30.84
C ALA B 14 -6.07 5.65 29.90
N LEU B 15 -5.11 4.92 30.44
CA LEU B 15 -4.25 4.00 29.64
C LEU B 15 -5.07 2.86 29.01
N GLU B 16 -5.90 2.22 29.80
CA GLU B 16 -6.75 1.11 29.30
C GLU B 16 -7.59 1.62 28.10
N ALA B 17 -8.13 2.85 28.18
CA ALA B 17 -8.96 3.39 27.08
C ALA B 17 -8.08 3.60 25.84
N ARG B 18 -6.88 4.10 26.06
CA ARG B 18 -5.93 4.45 24.96
C ARG B 18 -5.54 3.18 24.25
N VAL B 19 -5.21 2.13 25.01
CA VAL B 19 -4.81 0.81 24.42
C VAL B 19 -5.99 0.21 23.67
N THR B 20 -7.22 0.32 24.20
CA THR B 20 -8.42 -0.18 23.50
C THR B 20 -8.54 0.51 22.12
N GLU B 21 -8.33 1.83 22.06
CA GLU B 21 -8.47 2.58 20.78
C GLU B 21 -7.41 2.06 19.77
N LEU B 22 -6.18 1.83 20.23
CA LEU B 22 -5.08 1.34 19.34
C LEU B 22 -5.45 -0.06 18.81
N GLU B 23 -5.99 -0.91 19.64
CA GLU B 23 -6.47 -2.26 19.21
C GLU B 23 -7.64 -2.13 18.22
N ASP B 24 -8.55 -1.16 18.48
CA ASP B 24 -9.72 -0.91 17.60
C ASP B 24 -9.20 -0.55 16.18
N LEU B 25 -8.22 0.33 16.10
CA LEU B 25 -7.69 0.80 14.78
C LEU B 25 -7.12 -0.42 14.02
N ASN B 26 -6.32 -1.23 14.71
CA ASN B 26 -5.72 -2.44 14.08
C ASN B 26 -6.85 -3.37 13.61
N ALA B 27 -7.89 -3.55 14.42
CA ALA B 27 -8.94 -4.53 14.08
C ALA B 27 -9.71 -4.05 12.83
N ILE B 28 -9.97 -2.74 12.74
CA ILE B 28 -10.76 -2.22 11.59
C ILE B 28 -9.90 -2.35 10.32
N ARG B 29 -8.62 -1.98 10.39
CA ARG B 29 -7.73 -2.07 9.22
C ARG B 29 -7.68 -3.53 8.76
N ARG B 30 -7.57 -4.46 9.71
CA ARG B 30 -7.56 -5.91 9.42
C ARG B 30 -8.81 -6.33 8.62
N LEU B 31 -10.01 -5.80 8.93
CA LEU B 31 -11.22 -6.20 8.18
C LEU B 31 -11.02 -5.85 6.68
N GLN B 32 -10.46 -4.67 6.37
CA GLN B 32 -10.27 -4.26 4.96
C GLN B 32 -9.21 -5.10 4.28
N TRP B 33 -8.10 -5.36 4.97
CA TRP B 33 -6.94 -6.09 4.39
C TRP B 33 -7.37 -7.54 4.15
N ALA B 34 -8.10 -8.14 5.09
CA ALA B 34 -8.64 -9.50 4.95
C ALA B 34 -9.69 -9.55 3.84
N TYR B 35 -10.63 -8.60 3.86
CA TYR B 35 -11.60 -8.40 2.77
C TYR B 35 -10.93 -8.57 1.42
N GLY B 36 -9.85 -7.85 1.24
CA GLY B 36 -9.13 -7.87 -0.03
C GLY B 36 -8.60 -9.25 -0.42
N TYR B 37 -7.97 -9.94 0.51
CA TYR B 37 -7.41 -11.28 0.24
C TYR B 37 -8.56 -12.22 -0.10
N TYR B 38 -9.74 -12.06 0.51
CA TYR B 38 -10.89 -12.94 0.17
C TYR B 38 -11.44 -12.61 -1.23
N ILE B 39 -11.61 -11.35 -1.59
CA ILE B 39 -12.22 -11.01 -2.91
C ILE B 39 -11.25 -11.38 -4.03
N ASP B 40 -9.95 -11.30 -3.83
CA ASP B 40 -8.95 -11.62 -4.86
C ASP B 40 -9.11 -13.10 -5.25
N TYR B 41 -9.64 -13.92 -4.32
CA TYR B 41 -9.85 -15.37 -4.53
C TYR B 41 -11.31 -15.65 -4.86
N ASN B 42 -12.14 -14.63 -5.10
CA ASN B 42 -13.57 -14.86 -5.37
C ASN B 42 -14.18 -15.79 -4.32
N ARG B 43 -13.96 -15.45 -3.06
CA ARG B 43 -14.45 -16.25 -1.91
C ARG B 43 -15.52 -15.42 -1.20
N PRO B 44 -16.80 -15.54 -1.66
CA PRO B 44 -17.85 -14.68 -1.11
C PRO B 44 -18.24 -15.00 0.36
N GLU B 45 -18.03 -16.22 0.80
CA GLU B 45 -18.49 -16.70 2.13
C GLU B 45 -17.69 -15.94 3.20
N GLU B 46 -16.36 -15.91 3.03
CA GLU B 46 -15.48 -15.22 4.00
C GLU B 46 -15.83 -13.73 4.00
N VAL B 47 -16.12 -13.17 2.83
CA VAL B 47 -16.50 -11.73 2.69
C VAL B 47 -17.78 -11.49 3.51
N ALA B 48 -18.86 -12.25 3.24
CA ALA B 48 -20.14 -12.10 3.97
C ALA B 48 -19.91 -12.18 5.49
N GLY B 49 -19.05 -13.08 5.96
CA GLY B 49 -18.84 -13.22 7.42
C GLY B 49 -18.19 -12.02 8.07
N LEU B 50 -17.66 -11.09 7.28
CA LEU B 50 -17.03 -9.86 7.82
C LEU B 50 -18.09 -8.85 8.24
N PHE B 51 -19.33 -9.04 7.80
CA PHE B 51 -20.39 -8.02 7.91
C PHE B 51 -21.23 -8.26 9.17
N ALA B 52 -21.66 -7.19 9.79
CA ALA B 52 -22.80 -7.21 10.76
C ALA B 52 -23.99 -7.86 10.03
N LYS B 53 -24.93 -8.50 10.72
CA LYS B 53 -26.07 -9.18 10.01
C LYS B 53 -26.98 -8.15 9.32
N ASP B 54 -26.98 -6.92 9.79
CA ASP B 54 -27.77 -5.84 9.15
C ASP B 54 -26.85 -4.90 8.36
N GLY B 55 -25.62 -5.33 8.05
CA GLY B 55 -24.65 -4.57 7.26
C GLY B 55 -25.04 -4.58 5.78
N ALA B 56 -24.40 -3.72 4.98
CA ALA B 56 -24.71 -3.61 3.56
C ALA B 56 -23.44 -3.27 2.79
N VAL B 57 -23.46 -3.59 1.51
CA VAL B 57 -22.45 -3.17 0.53
C VAL B 57 -23.20 -2.27 -0.45
N VAL B 58 -22.60 -1.11 -0.74
CA VAL B 58 -23.12 -0.14 -1.74
C VAL B 58 -22.41 -0.43 -3.06
N PHE B 59 -23.15 -0.82 -4.07
CA PHE B 59 -22.58 -1.07 -5.41
C PHE B 59 -23.54 -0.46 -6.43
N LEU B 60 -23.04 0.49 -7.24
CA LEU B 60 -23.79 1.10 -8.38
C LEU B 60 -25.14 1.59 -7.87
N SER B 61 -25.08 2.50 -6.91
CA SER B 61 -26.23 3.26 -6.39
C SER B 61 -27.30 2.33 -5.83
N GLY B 62 -26.96 1.10 -5.39
CA GLY B 62 -27.89 0.27 -4.60
C GLY B 62 -27.21 -0.30 -3.38
N GLU B 63 -27.98 -0.88 -2.46
CA GLU B 63 -27.47 -1.59 -1.29
C GLU B 63 -27.81 -3.08 -1.41
N TYR B 64 -26.79 -3.89 -1.18
CA TYR B 64 -26.88 -5.36 -1.03
C TYR B 64 -26.79 -5.61 0.47
N VAL B 65 -27.90 -6.13 1.04
CA VAL B 65 -28.12 -6.10 2.51
C VAL B 65 -27.93 -7.50 3.10
N GLY B 66 -27.12 -7.59 4.16
CA GLY B 66 -26.95 -8.78 5.01
C GLY B 66 -26.21 -9.89 4.32
N TYR B 67 -26.18 -11.08 4.95
CA TYR B 67 -25.47 -12.24 4.36
C TYR B 67 -26.03 -12.50 2.97
N GLU B 68 -27.35 -12.35 2.81
CA GLU B 68 -27.96 -12.73 1.52
C GLU B 68 -27.45 -11.80 0.41
N GLY B 69 -27.50 -10.50 0.71
CA GLY B 69 -27.12 -9.48 -0.29
C GLY B 69 -25.65 -9.60 -0.62
N VAL B 70 -24.82 -9.86 0.38
CA VAL B 70 -23.34 -9.91 0.16
C VAL B 70 -23.01 -11.18 -0.64
N MET B 71 -23.68 -12.31 -0.34
CA MET B 71 -23.47 -13.55 -1.13
C MET B 71 -23.97 -13.32 -2.55
N ARG B 72 -25.04 -12.54 -2.72
CA ARG B 72 -25.58 -12.37 -4.07
C ARG B 72 -24.60 -11.55 -4.91
N LEU B 73 -24.03 -10.49 -4.34
CA LEU B 73 -23.11 -9.59 -5.08
C LEU B 73 -21.84 -10.36 -5.41
N TYR B 74 -21.20 -10.92 -4.41
CA TYR B 74 -19.84 -11.48 -4.60
C TYR B 74 -19.90 -12.91 -5.15
N GLY B 75 -20.98 -13.62 -4.89
CA GLY B 75 -21.14 -15.04 -5.29
C GLY B 75 -21.97 -15.14 -6.55
N THR B 76 -23.27 -14.90 -6.42
CA THR B 76 -24.21 -15.09 -7.53
C THR B 76 -23.77 -14.24 -8.72
N TRP B 77 -23.38 -12.99 -8.49
CA TRP B 77 -22.92 -12.13 -9.60
C TRP B 77 -21.41 -12.35 -9.85
N PHE B 78 -20.53 -11.88 -8.95
CA PHE B 78 -19.09 -11.74 -9.33
C PHE B 78 -18.45 -13.11 -9.54
N GLN B 79 -18.67 -14.05 -8.62
CA GLN B 79 -17.98 -15.36 -8.76
C GLN B 79 -18.47 -16.05 -10.03
N ASN B 80 -19.76 -16.02 -10.31
CA ASN B 80 -20.26 -16.59 -11.60
C ASN B 80 -19.60 -15.91 -12.79
N LEU B 81 -19.50 -14.60 -12.78
CA LEU B 81 -18.90 -13.79 -13.87
C LEU B 81 -17.43 -14.16 -14.09
N PHE B 82 -16.64 -14.18 -13.03
CA PHE B 82 -15.15 -14.30 -13.13
C PHE B 82 -14.66 -15.76 -13.18
N THR B 83 -15.25 -16.68 -12.43
CA THR B 83 -14.68 -18.07 -12.31
C THR B 83 -15.70 -19.12 -12.75
N GLY B 84 -16.88 -18.73 -13.20
CA GLY B 84 -17.98 -19.67 -13.49
C GLY B 84 -18.56 -20.28 -12.22
N GLY B 85 -18.49 -19.63 -11.07
CA GLY B 85 -19.13 -20.09 -9.81
C GLY B 85 -18.26 -21.03 -9.01
N ARG B 86 -16.93 -20.90 -9.14
CA ARG B 86 -15.94 -21.64 -8.35
C ARG B 86 -15.24 -20.68 -7.39
N ARG B 87 -15.07 -21.15 -6.15
CA ARG B 87 -14.13 -20.51 -5.22
C ARG B 87 -12.78 -20.48 -5.89
N GLY B 88 -12.14 -19.31 -5.88
CA GLY B 88 -10.84 -19.14 -6.51
C GLY B 88 -9.70 -19.38 -5.54
N PRO B 89 -8.45 -19.19 -5.99
CA PRO B 89 -8.15 -18.76 -7.36
C PRO B 89 -8.24 -19.92 -8.35
N VAL B 90 -8.35 -19.56 -9.64
CA VAL B 90 -8.45 -20.57 -10.73
C VAL B 90 -7.47 -20.23 -11.84
N HIS B 91 -7.05 -21.25 -12.57
CA HIS B 91 -6.17 -21.06 -13.77
C HIS B 91 -6.56 -19.82 -14.58
N GLY B 92 -5.55 -18.97 -14.86
CA GLY B 92 -5.65 -17.89 -15.85
C GLY B 92 -6.53 -16.71 -15.44
N LEU B 93 -7.08 -16.69 -14.22
CA LEU B 93 -7.99 -15.59 -13.81
C LEU B 93 -7.26 -14.76 -12.76
N LEU B 94 -7.03 -13.48 -13.10
CA LEU B 94 -6.41 -12.49 -12.19
C LEU B 94 -7.45 -11.46 -11.76
N LEU B 95 -7.62 -11.28 -10.44
CA LEU B 95 -8.44 -10.20 -9.92
C LEU B 95 -7.83 -9.70 -8.63
N ASP B 96 -6.64 -9.12 -8.72
CA ASP B 96 -5.93 -8.63 -7.53
C ASP B 96 -6.36 -7.19 -7.26
N GLN B 97 -7.10 -6.96 -6.17
CA GLN B 97 -7.42 -5.60 -5.77
C GLN B 97 -6.55 -5.24 -4.55
N PHE B 98 -5.39 -4.72 -4.81
CA PHE B 98 -4.43 -4.29 -3.79
C PHE B 98 -5.13 -3.25 -2.87
N GLN B 99 -5.04 -3.44 -1.56
CA GLN B 99 -5.68 -2.58 -0.53
C GLN B 99 -4.62 -1.69 0.13
N LEU B 100 -4.92 -0.38 0.27
CA LEU B 100 -3.95 0.51 0.93
C LEU B 100 -4.57 1.80 1.49
N GLN B 101 -3.72 2.49 2.25
CA GLN B 101 -3.88 3.93 2.60
C GLN B 101 -5.13 4.14 3.47
N ASP B 102 -5.15 3.45 4.59
CA ASP B 102 -6.23 3.53 5.60
C ASP B 102 -6.18 4.86 6.37
N VAL B 103 -7.33 5.50 6.51
CA VAL B 103 -7.49 6.62 7.47
C VAL B 103 -8.80 6.33 8.23
N ILE B 104 -8.64 5.87 9.47
CA ILE B 104 -9.76 5.31 10.28
C ILE B 104 -10.02 6.26 11.47
N THR B 105 -11.30 6.52 11.73
CA THR B 105 -11.79 7.40 12.82
C THR B 105 -12.75 6.60 13.69
N ILE B 106 -12.36 6.27 14.91
CA ILE B 106 -13.25 5.61 15.90
C ILE B 106 -14.15 6.70 16.49
N ALA B 107 -15.45 6.50 16.51
CA ALA B 107 -16.40 7.41 17.19
C ALA B 107 -16.01 7.55 18.68
N PRO B 108 -16.31 8.72 19.28
CA PRO B 108 -16.11 8.91 20.72
C PRO B 108 -16.58 7.75 21.62
N ASP B 109 -17.70 7.10 21.31
CA ASP B 109 -18.22 6.05 22.22
C ASP B 109 -17.50 4.71 22.00
N GLY B 110 -16.65 4.60 20.95
CA GLY B 110 -15.86 3.38 20.75
C GLY B 110 -16.66 2.27 20.13
N GLN B 111 -17.91 2.51 19.72
CA GLN B 111 -18.84 1.42 19.29
C GLN B 111 -19.10 1.46 17.78
N THR B 112 -18.72 2.54 17.12
CA THR B 112 -18.76 2.64 15.64
C THR B 112 -17.46 3.30 15.19
N ALA B 113 -17.20 3.21 13.89
CA ALA B 113 -16.02 3.79 13.27
C ALA B 113 -16.26 4.00 11.79
N LYS B 114 -15.48 4.91 11.24
CA LYS B 114 -15.44 5.15 9.78
C LYS B 114 -14.03 4.87 9.32
N GLY B 115 -13.90 4.52 8.03
CA GLY B 115 -12.57 4.41 7.48
C GLY B 115 -12.57 4.68 6.01
N ARG B 116 -11.58 5.47 5.58
CA ARG B 116 -11.28 5.70 4.16
C ARG B 116 -10.17 4.69 3.78
N PHE B 117 -10.28 4.10 2.59
CA PHE B 117 -9.25 3.19 2.09
C PHE B 117 -9.31 3.31 0.58
N ARG B 118 -8.41 2.63 -0.08
CA ARG B 118 -8.51 2.60 -1.55
C ARG B 118 -7.97 1.28 -2.09
N GLY B 119 -8.43 0.96 -3.30
CA GLY B 119 -7.89 -0.22 -3.95
C GLY B 119 -7.40 0.08 -5.31
N ILE B 120 -6.44 -0.69 -5.75
CA ILE B 120 -6.07 -0.70 -7.20
C ILE B 120 -6.14 -2.16 -7.68
N LEU B 121 -6.91 -2.36 -8.76
CA LEU B 121 -7.22 -3.70 -9.28
C LEU B 121 -6.41 -3.92 -10.55
N ALA B 122 -5.70 -5.03 -10.59
CA ALA B 122 -5.10 -5.62 -11.80
C ALA B 122 -5.91 -6.88 -12.08
N GLY B 123 -6.57 -6.90 -13.22
CA GLY B 123 -7.57 -7.90 -13.54
C GLY B 123 -7.43 -8.40 -14.96
N GLY B 124 -7.77 -9.68 -15.14
CA GLY B 124 -7.91 -10.17 -16.51
C GLY B 124 -8.10 -11.67 -16.64
N TRP B 125 -8.45 -12.02 -17.88
CA TRP B 125 -8.51 -13.42 -18.35
C TRP B 125 -7.25 -13.67 -19.15
N HIS B 126 -6.42 -14.60 -18.73
CA HIS B 126 -5.31 -15.07 -19.57
C HIS B 126 -5.84 -15.59 -20.90
N ASP B 127 -5.03 -15.48 -21.93
CA ASP B 127 -5.32 -16.10 -23.25
C ASP B 127 -5.82 -17.56 -23.11
N ASP B 128 -5.33 -18.32 -22.13
CA ASP B 128 -5.77 -19.72 -21.87
C ASP B 128 -7.23 -19.82 -21.53
N ILE B 129 -7.88 -18.79 -20.94
CA ILE B 129 -9.31 -18.92 -20.51
C ILE B 129 -10.16 -17.83 -21.09
N VAL B 130 -9.67 -17.02 -22.03
CA VAL B 130 -10.43 -15.86 -22.52
C VAL B 130 -11.68 -16.35 -23.30
N LYS B 131 -11.73 -17.61 -23.70
CA LYS B 131 -12.97 -18.16 -24.33
C LYS B 131 -14.16 -18.00 -23.36
N ASP B 132 -13.89 -17.96 -22.06
CA ASP B 132 -14.90 -17.88 -20.98
C ASP B 132 -15.18 -16.45 -20.54
N LYS B 133 -14.51 -15.46 -21.12
CA LYS B 133 -14.74 -14.06 -20.75
C LYS B 133 -16.08 -13.62 -21.30
N PRO B 134 -16.92 -12.96 -20.49
CA PRO B 134 -18.15 -12.39 -21.02
C PRO B 134 -17.87 -11.34 -22.08
N GLU B 135 -18.77 -11.26 -23.07
CA GLU B 135 -18.69 -10.24 -24.15
C GLU B 135 -18.78 -8.86 -23.49
N GLY B 136 -18.10 -7.87 -24.05
CA GLY B 136 -18.16 -6.48 -23.55
C GLY B 136 -17.20 -6.22 -22.40
N MET B 137 -16.54 -7.22 -21.84
CA MET B 137 -15.51 -6.97 -20.78
C MET B 137 -14.11 -6.98 -21.39
N PRO B 138 -13.21 -6.06 -21.00
CA PRO B 138 -11.86 -6.08 -21.56
C PRO B 138 -11.14 -7.34 -21.03
N GLN B 139 -10.21 -7.85 -21.83
CA GLN B 139 -9.43 -9.04 -21.46
C GLN B 139 -8.51 -8.73 -20.25
N GLN B 140 -7.91 -7.53 -20.21
CA GLN B 140 -7.05 -7.13 -19.07
C GLN B 140 -7.20 -5.64 -18.81
N PHE B 141 -7.26 -5.29 -17.53
CA PHE B 141 -7.75 -3.99 -17.10
C PHE B 141 -7.11 -3.63 -15.77
N TRP B 142 -7.03 -2.32 -15.60
CA TRP B 142 -6.79 -1.66 -14.31
C TRP B 142 -8.08 -0.99 -13.84
N GLU B 143 -8.23 -0.84 -12.54
CA GLU B 143 -9.33 -0.07 -11.96
C GLU B 143 -8.88 0.43 -10.59
N SER B 144 -9.30 1.63 -10.19
CA SER B 144 -9.01 2.05 -8.79
C SER B 144 -10.27 2.69 -8.25
N GLY B 145 -10.47 2.56 -6.96
CA GLY B 145 -11.60 3.21 -6.31
C GLY B 145 -11.31 3.53 -4.89
N ILE B 146 -12.21 4.30 -4.30
CA ILE B 146 -12.08 4.78 -2.91
C ILE B 146 -13.18 4.12 -2.11
N TYR B 147 -12.85 3.71 -0.90
CA TYR B 147 -13.82 3.22 0.10
C TYR B 147 -14.01 4.27 1.17
N GLU B 148 -15.26 4.51 1.53
CA GLU B 148 -15.60 5.23 2.78
C GLU B 148 -16.61 4.36 3.52
N ASN B 149 -16.12 3.62 4.50
CA ASN B 149 -16.84 2.47 5.08
C ASN B 149 -17.29 2.86 6.49
N ASP B 150 -18.25 2.13 7.00
CA ASP B 150 -18.71 2.21 8.43
C ASP B 150 -18.53 0.88 9.09
N TYR B 151 -18.27 0.93 10.41
CA TYR B 151 -17.95 -0.26 11.22
C TYR B 151 -18.80 -0.19 12.48
N VAL B 152 -19.05 -1.37 13.04
CA VAL B 152 -19.73 -1.51 14.36
C VAL B 152 -18.92 -2.48 15.19
N LYS B 153 -18.88 -2.22 16.49
CA LYS B 153 -18.25 -3.13 17.45
C LYS B 153 -19.41 -3.82 18.15
N GLU B 154 -19.62 -5.10 17.84
CA GLU B 154 -20.74 -5.91 18.36
C GLU B 154 -20.18 -6.96 19.27
N ASP B 155 -20.56 -6.92 20.56
CA ASP B 155 -20.10 -7.95 21.50
C ASP B 155 -18.58 -7.98 21.45
N GLY B 156 -17.96 -6.81 21.40
CA GLY B 156 -16.49 -6.65 21.45
C GLY B 156 -15.78 -7.03 20.15
N VAL B 157 -16.49 -7.32 19.07
CA VAL B 157 -15.90 -7.68 17.75
C VAL B 157 -16.28 -6.61 16.72
N TRP B 158 -15.29 -6.08 16.03
CA TRP B 158 -15.48 -5.10 14.93
C TRP B 158 -15.96 -5.87 13.70
N LYS B 159 -16.97 -5.32 13.05
CA LYS B 159 -17.55 -5.89 11.83
C LYS B 159 -17.88 -4.75 10.87
N ILE B 160 -17.97 -5.09 9.59
CA ILE B 160 -18.34 -4.08 8.57
C ILE B 160 -19.84 -3.82 8.68
N LYS B 161 -20.20 -2.55 8.82
CA LYS B 161 -21.60 -2.09 8.84
C LYS B 161 -21.98 -1.62 7.43
N ARG B 162 -21.07 -0.92 6.75
CA ARG B 162 -21.36 -0.42 5.40
C ARG B 162 -20.04 -0.39 4.64
N LEU B 163 -20.02 -1.07 3.51
CA LEU B 163 -18.84 -1.11 2.61
C LEU B 163 -19.25 -0.34 1.36
N ASP B 164 -18.62 0.80 1.15
CA ASP B 164 -19.02 1.74 0.07
C ASP B 164 -17.80 1.98 -0.80
N TYR B 165 -17.76 1.27 -1.91
CA TYR B 165 -16.64 1.33 -2.88
C TYR B 165 -17.11 2.24 -4.02
N MET B 166 -16.39 3.32 -4.28
CA MET B 166 -16.70 4.26 -5.38
C MET B 166 -15.55 4.18 -6.39
N MET B 167 -15.81 3.55 -7.50
CA MET B 167 -14.84 3.46 -8.64
C MET B 167 -14.45 4.86 -9.09
N GLN B 168 -13.16 5.10 -9.24
CA GLN B 168 -12.68 6.43 -9.67
C GLN B 168 -12.24 6.38 -11.12
N TRP B 169 -11.58 5.30 -11.54
CA TRP B 169 -11.16 5.18 -12.93
C TRP B 169 -11.02 3.72 -13.29
N GLN B 170 -11.02 3.48 -14.60
CA GLN B 170 -10.82 2.15 -15.20
C GLN B 170 -10.05 2.35 -16.48
N ALA B 171 -9.32 1.33 -16.88
CA ALA B 171 -8.54 1.35 -18.13
C ALA B 171 -8.46 -0.07 -18.68
N ASP B 172 -8.58 -0.19 -19.99
CA ASP B 172 -8.03 -1.34 -20.71
C ASP B 172 -6.50 -1.30 -20.58
N TYR B 173 -5.87 -2.40 -20.28
CA TYR B 173 -4.40 -2.42 -20.14
C TYR B 173 -3.70 -1.79 -21.34
N GLU B 174 -4.18 -2.10 -22.53
CA GLU B 174 -3.51 -1.74 -23.81
C GLU B 174 -3.63 -0.22 -24.02
N THR B 175 -4.73 0.41 -23.63
CA THR B 175 -4.97 1.82 -24.05
C THR B 175 -4.85 2.83 -22.92
N GLY B 176 -5.06 2.46 -21.64
CA GLY B 176 -4.80 3.38 -20.53
C GLY B 176 -6.04 4.21 -20.16
N TRP B 177 -6.01 4.79 -18.97
CA TRP B 177 -7.17 5.53 -18.38
C TRP B 177 -7.56 6.72 -19.26
N SER B 178 -6.63 7.37 -19.94
CA SER B 178 -6.93 8.55 -20.77
C SER B 178 -7.79 8.22 -21.98
N LYS B 179 -7.91 6.94 -22.37
CA LYS B 179 -8.63 6.54 -23.61
C LYS B 179 -9.93 5.83 -23.32
N THR B 180 -10.34 5.70 -22.06
CA THR B 180 -11.58 5.00 -21.65
C THR B 180 -12.82 5.77 -22.18
N ILE B 181 -13.77 5.06 -22.79
CA ILE B 181 -15.04 5.66 -23.30
C ILE B 181 -16.03 5.73 -22.15
N ALA B 182 -16.62 6.90 -21.91
CA ALA B 182 -17.74 7.15 -20.98
C ALA B 182 -18.88 6.23 -21.41
N HIS B 183 -19.52 5.53 -20.49
CA HIS B 183 -20.71 4.70 -20.82
C HIS B 183 -21.81 5.10 -19.84
N LEU B 184 -22.93 5.62 -20.37
CA LEU B 184 -24.07 6.12 -19.57
C LEU B 184 -24.65 4.91 -18.82
N GLN B 185 -24.72 5.05 -17.49
CA GLN B 185 -25.00 3.94 -16.55
C GLN B 185 -26.49 3.97 -16.18
N PRO B 186 -27.36 3.08 -16.73
CA PRO B 186 -28.79 3.10 -16.36
C PRO B 186 -28.98 2.73 -14.88
N ALA B 187 -30.12 3.10 -14.30
CA ALA B 187 -30.47 2.76 -12.90
C ALA B 187 -30.65 1.24 -12.82
N ALA B 188 -30.24 0.67 -11.69
CA ALA B 188 -30.27 -0.77 -11.46
C ALA B 188 -31.72 -1.20 -11.27
N VAL B 189 -32.06 -2.43 -11.65
CA VAL B 189 -33.31 -3.07 -11.21
C VAL B 189 -32.99 -3.87 -9.95
N CYS B 190 -33.80 -3.78 -8.92
CA CYS B 190 -33.58 -4.49 -7.65
C CYS B 190 -33.83 -6.01 -7.82
N PHE B 191 -33.11 -6.77 -7.01
CA PHE B 191 -33.51 -8.11 -6.57
C PHE B 191 -34.90 -7.97 -5.92
N PRO B 192 -35.79 -8.95 -6.06
CA PRO B 192 -35.57 -10.19 -6.82
C PRO B 192 -35.86 -10.19 -8.33
N GLU B 193 -36.46 -9.13 -8.88
CA GLU B 193 -36.80 -9.15 -10.33
C GLU B 193 -35.50 -9.30 -11.12
N ASN B 194 -34.44 -8.66 -10.62
CA ASN B 194 -33.07 -8.77 -11.18
C ASN B 194 -32.35 -9.71 -10.25
N PRO B 195 -32.05 -10.94 -10.71
CA PRO B 195 -31.42 -11.93 -9.83
C PRO B 195 -30.09 -11.51 -9.20
N ILE B 196 -29.38 -10.57 -9.82
CA ILE B 196 -28.09 -10.06 -9.29
C ILE B 196 -28.21 -8.60 -8.85
N GLY B 197 -29.44 -8.12 -8.65
CA GLY B 197 -29.65 -6.70 -8.33
C GLY B 197 -29.50 -6.40 -6.85
N PRO B 198 -29.44 -5.11 -6.49
CA PRO B 198 -29.48 -4.72 -5.06
C PRO B 198 -30.83 -4.95 -4.39
N ASP B 199 -30.83 -5.02 -3.07
CA ASP B 199 -32.06 -5.12 -2.26
C ASP B 199 -32.81 -3.81 -2.35
N ARG B 200 -32.11 -2.68 -2.40
CA ARG B 200 -32.80 -1.37 -2.48
C ARG B 200 -31.91 -0.37 -3.20
N LEU B 201 -32.52 0.66 -3.77
CA LEU B 201 -31.80 1.73 -4.49
C LEU B 201 -31.50 2.87 -3.50
N LEU B 202 -30.42 3.59 -3.72
CA LEU B 202 -30.13 4.90 -3.07
C LEU B 202 -30.87 5.95 -3.88
N PRO B 203 -31.19 7.14 -3.31
CA PRO B 203 -31.72 8.25 -4.12
C PRO B 203 -30.82 8.70 -5.28
N GLU B 204 -31.45 9.05 -6.42
CA GLU B 204 -30.87 9.65 -7.66
C GLU B 204 -29.73 10.61 -7.28
N THR B 205 -29.93 11.44 -6.25
CA THR B 205 -28.93 12.41 -5.70
C THR B 205 -27.62 11.68 -5.35
N GLU B 206 -27.65 10.38 -5.07
CA GLU B 206 -26.44 9.58 -4.73
C GLU B 206 -25.97 8.73 -5.92
N VAL B 207 -26.72 8.68 -7.03
CA VAL B 207 -26.23 8.10 -8.33
C VAL B 207 -24.90 8.80 -8.71
N ARG B 208 -23.89 8.02 -9.11
CA ARG B 208 -22.60 8.50 -9.66
C ARG B 208 -22.53 8.03 -11.14
N GLN B 209 -22.19 8.94 -12.08
CA GLN B 209 -21.71 8.59 -13.45
C GLN B 209 -20.20 8.43 -13.36
N THR B 210 -19.58 7.78 -14.35
CA THR B 210 -18.24 7.18 -14.14
C THR B 210 -17.19 7.97 -14.92
N TRP B 211 -15.93 7.69 -14.57
CA TRP B 211 -14.70 8.19 -15.25
C TRP B 211 -14.98 8.20 -16.74
N PRO B 212 -14.74 9.29 -17.48
CA PRO B 212 -14.01 10.48 -17.03
C PRO B 212 -14.73 11.47 -16.13
N HIS B 213 -16.05 11.31 -15.93
CA HIS B 213 -16.78 12.15 -14.96
C HIS B 213 -16.17 11.90 -13.57
N ARG B 214 -15.97 12.94 -12.77
CA ARG B 214 -15.45 12.77 -11.38
C ARG B 214 -16.36 13.45 -10.39
N ALA B 215 -16.30 12.98 -9.16
CA ALA B 215 -17.09 13.53 -8.04
C ALA B 215 -16.29 13.27 -6.80
N GLU B 216 -16.12 14.28 -5.97
CA GLU B 216 -15.46 14.10 -4.66
C GLU B 216 -16.14 12.96 -3.89
N VAL B 217 -15.31 12.25 -3.14
CA VAL B 217 -15.73 11.39 -2.03
C VAL B 217 -15.28 12.13 -0.79
N PRO B 218 -16.19 12.84 -0.09
CA PRO B 218 -15.78 13.64 1.06
C PRO B 218 -14.96 12.80 2.03
N MET B 219 -14.00 13.41 2.71
CA MET B 219 -13.16 12.69 3.70
C MET B 219 -14.04 12.38 4.90
N SER B 220 -13.96 11.19 5.45
CA SER B 220 -14.60 10.85 6.73
C SER B 220 -13.79 11.38 7.90
N PHE B 221 -12.54 11.76 7.70
CA PHE B 221 -11.63 12.18 8.79
C PHE B 221 -11.53 13.71 8.82
N ALA B 222 -11.36 14.22 10.03
CA ALA B 222 -11.13 15.65 10.31
C ALA B 222 -9.72 15.95 9.80
N HIS B 223 -9.43 17.20 9.52
CA HIS B 223 -8.02 17.60 9.27
C HIS B 223 -7.13 17.12 10.41
N PRO B 224 -6.06 16.36 10.13
CA PRO B 224 -5.28 15.76 11.22
C PRO B 224 -4.44 16.71 12.09
N VAL B 225 -4.24 17.94 11.62
CA VAL B 225 -3.46 18.97 12.36
C VAL B 225 -4.44 20.02 12.88
N LEU B 226 -5.31 20.55 12.05
CA LEU B 226 -6.13 21.74 12.45
C LEU B 226 -7.52 21.33 12.95
N ALA B 227 -7.95 20.09 12.74
CA ALA B 227 -9.27 19.56 13.14
C ALA B 227 -10.40 20.48 12.62
N LYS B 228 -11.40 20.76 13.47
CA LYS B 228 -12.57 21.60 13.13
C LYS B 228 -12.17 23.05 12.83
N ALA B 229 -11.03 23.52 13.33
CA ALA B 229 -10.52 24.89 13.07
C ALA B 229 -10.12 25.05 11.59
N PHE B 230 -9.96 23.95 10.83
CA PHE B 230 -9.52 24.06 9.42
C PHE B 230 -10.59 24.83 8.63
N ALA B 231 -10.21 25.92 8.00
CA ALA B 231 -11.05 26.69 7.05
C ALA B 231 -10.27 26.90 5.76
N VAL B 232 -10.83 26.47 4.64
CA VAL B 232 -10.14 26.50 3.32
C VAL B 232 -9.76 27.95 2.95
N GLY B 233 -10.71 28.87 3.03
CA GLY B 233 -10.60 30.24 2.49
C GLY B 233 -9.37 30.97 3.02
N GLU B 234 -8.99 30.74 4.29
CA GLU B 234 -7.81 31.36 4.95
C GLU B 234 -6.55 31.00 4.15
N PHE B 235 -6.45 29.73 3.70
CA PHE B 235 -5.29 29.27 2.90
C PHE B 235 -5.42 29.73 1.45
N THR B 236 -6.63 29.73 0.88
CA THR B 236 -6.82 30.09 -0.55
C THR B 236 -6.28 31.51 -0.82
N LYS B 237 -6.38 32.40 0.17
CA LYS B 237 -5.82 33.79 0.10
C LYS B 237 -4.34 33.78 -0.32
N LEU B 238 -3.58 32.72 0.00
CA LEU B 238 -2.10 32.65 -0.23
C LEU B 238 -1.79 32.22 -1.67
N GLN B 239 -2.78 31.71 -2.40
CA GLN B 239 -2.62 31.23 -3.79
C GLN B 239 -2.85 32.39 -4.76
N LYS B 240 -2.12 32.43 -5.88
CA LYS B 240 -2.21 33.48 -6.94
C LYS B 240 -2.55 32.79 -8.26
N LYS B 241 -2.95 33.55 -9.29
CA LYS B 241 -3.12 33.05 -10.68
C LYS B 241 -1.76 32.81 -11.33
N TRP B 242 -1.73 31.89 -12.30
CA TRP B 242 -0.49 31.46 -12.99
C TRP B 242 -0.87 30.48 -14.11
N SER C 7 8.04 1.32 41.73
CA SER C 7 7.81 0.07 40.97
C SER C 7 6.30 -0.15 40.85
N SER C 8 5.59 0.95 40.60
CA SER C 8 4.15 1.00 40.26
C SER C 8 3.91 2.30 39.52
N GLU C 9 4.31 3.41 40.15
CA GLU C 9 4.52 4.71 39.46
C GLU C 9 5.49 4.52 38.29
N SER C 10 6.61 3.84 38.50
CA SER C 10 7.65 3.58 37.45
C SER C 10 7.02 2.81 36.29
N ARG C 11 6.19 1.81 36.60
CA ARG C 11 5.50 0.93 35.65
C ARG C 11 4.47 1.74 34.85
N LEU C 12 3.66 2.55 35.52
CA LEU C 12 2.67 3.44 34.88
C LEU C 12 3.40 4.38 33.94
N ALA C 13 4.37 5.14 34.45
CA ALA C 13 5.10 6.14 33.64
C ALA C 13 5.68 5.46 32.40
N ALA C 14 6.24 4.25 32.56
CA ALA C 14 6.88 3.50 31.46
C ALA C 14 5.81 3.06 30.43
N LEU C 15 4.64 2.62 30.90
CA LEU C 15 3.49 2.27 30.01
C LEU C 15 3.00 3.52 29.26
N GLU C 16 2.80 4.62 29.99
CA GLU C 16 2.33 5.88 29.37
C GLU C 16 3.29 6.25 28.24
N ALA C 17 4.61 6.12 28.45
CA ALA C 17 5.59 6.50 27.39
C ALA C 17 5.37 5.59 26.16
N ARG C 18 5.20 4.29 26.41
CA ARG C 18 5.10 3.27 25.34
C ARG C 18 3.83 3.56 24.52
N VAL C 19 2.73 3.86 25.20
CA VAL C 19 1.41 4.12 24.52
C VAL C 19 1.55 5.42 23.73
N THR C 20 2.21 6.44 24.29
CA THR C 20 2.46 7.70 23.55
C THR C 20 3.22 7.38 22.26
N GLU C 21 4.24 6.53 22.28
CA GLU C 21 5.02 6.25 21.05
C GLU C 21 4.14 5.55 20.00
N LEU C 22 3.25 4.64 20.42
CA LEU C 22 2.34 3.93 19.50
C LEU C 22 1.38 4.94 18.85
N GLU C 23 0.86 5.87 19.63
CA GLU C 23 -0.01 6.94 19.10
C GLU C 23 0.80 7.85 18.16
N ASP C 24 2.05 8.16 18.51
CA ASP C 24 2.93 9.02 17.68
C ASP C 24 3.08 8.38 16.28
N LEU C 25 3.34 7.08 16.23
CA LEU C 25 3.55 6.36 14.94
C LEU C 25 2.29 6.45 14.11
N ASN C 26 1.12 6.20 14.72
CA ASN C 26 -0.15 6.27 13.98
C ASN C 26 -0.34 7.70 13.46
N ALA C 27 -0.06 8.70 14.31
CA ALA C 27 -0.32 10.10 13.93
C ALA C 27 0.56 10.51 12.75
N ILE C 28 1.82 10.11 12.76
CA ILE C 28 2.76 10.48 11.68
C ILE C 28 2.33 9.78 10.39
N ARG C 29 2.05 8.46 10.45
CA ARG C 29 1.58 7.73 9.23
C ARG C 29 0.32 8.43 8.68
N ARG C 30 -0.60 8.80 9.55
CA ARG C 30 -1.84 9.51 9.13
C ARG C 30 -1.52 10.82 8.39
N LEU C 31 -0.47 11.58 8.78
CA LEU C 31 -0.14 12.83 8.06
C LEU C 31 0.16 12.46 6.59
N GLN C 32 0.96 11.42 6.35
CA GLN C 32 1.32 11.04 4.98
C GLN C 32 0.11 10.52 4.20
N TRP C 33 -0.73 9.70 4.82
CA TRP C 33 -1.86 9.07 4.13
C TRP C 33 -2.89 10.16 3.79
N ALA C 34 -3.13 11.08 4.71
CA ALA C 34 -4.03 12.25 4.51
C ALA C 34 -3.47 13.17 3.45
N TYR C 35 -2.19 13.48 3.57
CA TYR C 35 -1.45 14.25 2.53
C TYR C 35 -1.83 13.72 1.16
N GLY C 36 -1.72 12.42 0.97
CA GLY C 36 -2.01 11.79 -0.33
C GLY C 36 -3.45 12.02 -0.76
N TYR C 37 -4.42 11.80 0.10
CA TYR C 37 -5.84 11.99 -0.28
C TYR C 37 -6.07 13.46 -0.66
N TYR C 38 -5.39 14.42 -0.03
CA TYR C 38 -5.54 15.87 -0.36
C TYR C 38 -4.87 16.20 -1.70
N ILE C 39 -3.69 15.68 -1.94
CA ILE C 39 -2.98 16.00 -3.22
C ILE C 39 -3.69 15.36 -4.40
N ASP C 40 -4.27 14.17 -4.25
CA ASP C 40 -4.99 13.48 -5.34
C ASP C 40 -6.12 14.38 -5.85
N TYR C 41 -6.64 15.22 -4.96
CA TYR C 41 -7.76 16.14 -5.27
C TYR C 41 -7.26 17.57 -5.53
N ASN C 42 -5.94 17.78 -5.65
CA ASN C 42 -5.37 19.12 -5.88
C ASN C 42 -5.94 20.12 -4.87
N ARG C 43 -5.85 19.80 -3.60
CA ARG C 43 -6.41 20.64 -2.50
C ARG C 43 -5.24 21.14 -1.68
N PRO C 44 -4.63 22.29 -2.08
CA PRO C 44 -3.41 22.75 -1.43
C PRO C 44 -3.60 23.28 -0.01
N GLU C 45 -4.81 23.76 0.31
CA GLU C 45 -5.12 24.34 1.64
C GLU C 45 -4.97 23.26 2.69
N GLU C 46 -5.58 22.09 2.47
CA GLU C 46 -5.50 20.98 3.46
C GLU C 46 -4.04 20.54 3.59
N VAL C 47 -3.33 20.50 2.47
CA VAL C 47 -1.89 20.14 2.46
C VAL C 47 -1.07 21.11 3.32
N ALA C 48 -1.16 22.42 3.09
CA ALA C 48 -0.45 23.45 3.84
C ALA C 48 -0.77 23.31 5.33
N GLY C 49 -2.02 23.00 5.70
CA GLY C 49 -2.39 22.94 7.13
C GLY C 49 -1.72 21.79 7.86
N LEU C 50 -1.15 20.83 7.13
CA LEU C 50 -0.44 19.69 7.73
C LEU C 50 0.92 20.12 8.24
N PHE C 51 1.43 21.27 7.80
CA PHE C 51 2.82 21.69 8.02
C PHE C 51 2.93 22.56 9.27
N ALA C 52 4.04 22.40 9.98
CA ALA C 52 4.47 23.38 10.99
C ALA C 52 4.65 24.72 10.25
N LYS C 53 4.44 25.87 10.90
CA LYS C 53 4.48 27.17 10.15
C LYS C 53 5.89 27.46 9.62
N ASP C 54 6.93 26.85 10.18
CA ASP C 54 8.32 26.99 9.70
C ASP C 54 8.74 25.71 8.95
N GLY C 55 7.82 24.83 8.58
CA GLY C 55 8.09 23.63 7.77
C GLY C 55 8.40 23.97 6.32
N ALA C 56 8.83 23.00 5.54
CA ALA C 56 9.18 23.21 4.12
C ALA C 56 8.88 21.94 3.33
N VAL C 57 8.64 22.14 2.04
CA VAL C 57 8.56 21.05 1.03
C VAL C 57 9.73 21.23 0.08
N VAL C 58 10.40 20.13 -0.20
CA VAL C 58 11.56 20.10 -1.15
C VAL C 58 11.03 19.76 -2.53
N PHE C 59 11.26 20.61 -3.52
CA PHE C 59 10.89 20.32 -4.93
C PHE C 59 11.99 20.90 -5.81
N LEU C 60 12.61 20.06 -6.66
CA LEU C 60 13.63 20.45 -7.67
C LEU C 60 14.71 21.27 -6.96
N SER C 61 15.30 20.64 -5.94
CA SER C 61 16.51 21.12 -5.26
C SER C 61 16.29 22.53 -4.65
N GLY C 62 15.03 22.89 -4.32
CA GLY C 62 14.79 24.04 -3.44
C GLY C 62 13.82 23.70 -2.36
N GLU C 63 13.70 24.57 -1.36
CA GLU C 63 12.69 24.51 -0.29
C GLU C 63 11.63 25.58 -0.47
N TYR C 64 10.39 25.14 -0.38
CA TYR C 64 9.19 25.99 -0.34
C TYR C 64 8.77 26.04 1.11
N VAL C 65 8.78 27.23 1.70
CA VAL C 65 8.78 27.38 3.19
C VAL C 65 7.44 27.91 3.67
N GLY C 66 6.89 27.28 4.70
CA GLY C 66 5.70 27.76 5.43
C GLY C 66 4.42 27.60 4.62
N TYR C 67 3.30 28.07 5.17
CA TYR C 67 2.00 28.04 4.45
C TYR C 67 2.16 28.74 3.11
N GLU C 68 2.96 29.82 3.04
CA GLU C 68 3.08 30.57 1.77
C GLU C 68 3.71 29.66 0.71
N GLY C 69 4.82 29.06 1.09
CA GLY C 69 5.61 28.23 0.15
C GLY C 69 4.82 27.01 -0.27
N VAL C 70 4.08 26.42 0.67
CA VAL C 70 3.32 25.18 0.37
C VAL C 70 2.16 25.54 -0.54
N MET C 71 1.46 26.66 -0.26
CA MET C 71 0.36 27.10 -1.15
C MET C 71 0.94 27.46 -2.53
N ARG C 72 2.13 28.03 -2.58
CA ARG C 72 2.70 28.43 -3.89
C ARG C 72 3.00 27.18 -4.74
N LEU C 73 3.56 26.15 -4.13
CA LEU C 73 3.93 24.92 -4.88
C LEU C 73 2.64 24.20 -5.32
N TYR C 74 1.77 23.91 -4.39
CA TYR C 74 0.65 22.98 -4.66
C TYR C 74 -0.51 23.73 -5.31
N GLY C 75 -0.62 25.03 -5.00
CA GLY C 75 -1.71 25.85 -5.51
C GLY C 75 -1.29 26.65 -6.69
N THR C 76 -0.44 27.67 -6.49
CA THR C 76 -0.09 28.61 -7.56
C THR C 76 0.53 27.85 -8.72
N TRP C 77 1.40 26.88 -8.44
CA TRP C 77 1.99 26.06 -9.54
C TRP C 77 1.05 24.88 -9.87
N PHE C 78 0.97 23.87 -9.01
CA PHE C 78 0.40 22.55 -9.46
C PHE C 78 -1.09 22.68 -9.76
N GLN C 79 -1.88 23.28 -8.88
CA GLN C 79 -3.34 23.34 -9.13
C GLN C 79 -3.63 24.13 -10.38
N ASN C 80 -2.97 25.27 -10.58
CA ASN C 80 -3.17 26.01 -11.84
C ASN C 80 -2.82 25.13 -13.05
N LEU C 81 -1.72 24.44 -12.99
CA LEU C 81 -1.26 23.57 -14.09
C LEU C 81 -2.26 22.44 -14.40
N PHE C 82 -2.71 21.72 -13.38
CA PHE C 82 -3.51 20.47 -13.54
C PHE C 82 -5.02 20.76 -13.71
N THR C 83 -5.61 21.70 -12.96
CA THR C 83 -7.10 21.88 -12.96
C THR C 83 -7.49 23.31 -13.40
N GLY C 84 -6.54 24.15 -13.77
CA GLY C 84 -6.82 25.57 -14.04
C GLY C 84 -7.14 26.36 -12.78
N GLY C 85 -6.66 25.96 -11.60
CA GLY C 85 -6.85 26.73 -10.35
C GLY C 85 -8.12 26.40 -9.64
N ARG C 86 -8.65 25.19 -9.82
CA ARG C 86 -9.85 24.68 -9.11
C ARG C 86 -9.42 23.58 -8.14
N ARG C 87 -10.00 23.62 -6.95
CA ARG C 87 -9.94 22.47 -6.04
C ARG C 87 -10.58 21.29 -6.77
N GLY C 88 -9.92 20.14 -6.69
CA GLY C 88 -10.38 18.94 -7.40
C GLY C 88 -11.22 18.05 -6.49
N PRO C 89 -11.63 16.86 -7.00
CA PRO C 89 -11.31 16.39 -8.34
C PRO C 89 -12.19 17.05 -9.41
N VAL C 90 -11.74 17.00 -10.65
CA VAL C 90 -12.44 17.60 -11.82
C VAL C 90 -12.50 16.58 -12.95
N HIS C 91 -13.50 16.73 -13.80
CA HIS C 91 -13.71 15.92 -15.03
C HIS C 91 -12.39 15.63 -15.73
N GLY C 92 -12.15 14.35 -16.01
CA GLY C 92 -11.06 13.92 -16.93
C GLY C 92 -9.64 14.01 -16.34
N LEU C 93 -9.45 14.44 -15.10
CA LEU C 93 -8.07 14.67 -14.57
C LEU C 93 -7.80 13.63 -13.51
N LEU C 94 -6.80 12.80 -13.77
CA LEU C 94 -6.34 11.74 -12.82
C LEU C 94 -4.97 12.15 -12.27
N LEU C 95 -4.83 12.15 -10.95
CA LEU C 95 -3.52 12.36 -10.31
C LEU C 95 -3.50 11.59 -9.01
N ASP C 96 -3.56 10.24 -9.12
CA ASP C 96 -3.64 9.41 -7.92
C ASP C 96 -2.21 9.09 -7.50
N GLN C 97 -1.80 9.55 -6.33
CA GLN C 97 -0.45 9.20 -5.82
C GLN C 97 -0.63 8.26 -4.64
N PHE C 98 -0.78 7.00 -4.94
CA PHE C 98 -0.96 5.93 -3.91
C PHE C 98 0.21 6.03 -2.91
N GLN C 99 -0.09 6.03 -1.62
CA GLN C 99 0.91 6.15 -0.53
C GLN C 99 1.09 4.80 0.17
N LEU C 100 2.34 4.40 0.39
CA LEU C 100 2.59 3.12 1.11
C LEU C 100 3.97 2.98 1.75
N GLN C 101 4.08 1.90 2.53
CA GLN C 101 5.37 1.34 3.02
C GLN C 101 6.08 2.32 3.95
N ASP C 102 5.36 2.70 5.01
CA ASP C 102 5.90 3.61 6.05
C ASP C 102 6.94 2.91 6.92
N VAL C 103 8.09 3.59 7.11
CA VAL C 103 9.07 3.21 8.16
C VAL C 103 9.43 4.47 8.94
N ILE C 104 8.82 4.60 10.10
CA ILE C 104 8.87 5.83 10.92
C ILE C 104 9.74 5.59 12.15
N THR C 105 10.60 6.58 12.46
CA THR C 105 11.51 6.57 13.63
C THR C 105 11.24 7.85 14.45
N ILE C 106 10.67 7.67 15.62
CA ILE C 106 10.44 8.78 16.59
C ILE C 106 11.78 9.05 17.30
N ALA C 107 12.21 10.30 17.42
CA ALA C 107 13.46 10.62 18.16
C ALA C 107 13.27 10.22 19.63
N PRO C 108 14.37 9.88 20.35
CA PRO C 108 14.30 9.64 21.80
C PRO C 108 13.48 10.67 22.61
N ASP C 109 13.51 11.96 22.29
CA ASP C 109 12.74 12.93 23.12
C ASP C 109 11.25 12.98 22.72
N GLY C 110 10.85 12.30 21.63
CA GLY C 110 9.43 12.20 21.26
C GLY C 110 8.89 13.50 20.68
N GLN C 111 9.76 14.46 20.35
CA GLN C 111 9.35 15.80 19.90
C GLN C 111 9.62 15.98 18.40
N THR C 112 10.41 15.09 17.81
CA THR C 112 10.66 15.06 16.35
C THR C 112 10.60 13.59 15.90
N ALA C 113 10.53 13.42 14.59
CA ALA C 113 10.50 12.07 13.99
C ALA C 113 10.95 12.20 12.55
N LYS C 114 11.37 11.07 12.02
CA LYS C 114 11.65 10.89 10.59
C LYS C 114 10.73 9.78 10.08
N GLY C 115 10.44 9.80 8.79
CA GLY C 115 9.72 8.71 8.17
C GLY C 115 10.11 8.53 6.72
N ARG C 116 10.29 7.28 6.33
CA ARG C 116 10.44 6.87 4.90
C ARG C 116 9.06 6.42 4.45
N PHE C 117 8.68 6.79 3.22
CA PHE C 117 7.41 6.37 2.62
C PHE C 117 7.68 6.30 1.14
N ARG C 118 6.69 5.85 0.40
CA ARG C 118 6.83 5.94 -1.07
C ARG C 118 5.48 6.16 -1.72
N GLY C 119 5.52 6.66 -2.93
CA GLY C 119 4.30 6.89 -3.67
C GLY C 119 4.40 6.34 -5.05
N ILE C 120 3.27 5.89 -5.58
CA ILE C 120 3.18 5.55 -7.01
C ILE C 120 2.02 6.35 -7.60
N LEU C 121 2.34 7.12 -8.62
CA LEU C 121 1.40 8.06 -9.27
C LEU C 121 0.90 7.43 -10.56
N ALA C 122 -0.40 7.35 -10.69
CA ALA C 122 -1.09 7.11 -11.95
C ALA C 122 -1.74 8.45 -12.31
N GLY C 123 -1.37 8.97 -13.47
CA GLY C 123 -1.70 10.36 -13.79
C GLY C 123 -2.11 10.50 -15.24
N GLY C 124 -3.03 11.43 -15.50
CA GLY C 124 -3.33 11.71 -16.91
C GLY C 124 -4.47 12.70 -17.13
N TRP C 125 -4.47 13.19 -18.37
CA TRP C 125 -5.57 13.98 -18.93
C TRP C 125 -6.37 13.05 -19.81
N HIS C 126 -7.64 12.85 -19.49
CA HIS C 126 -8.52 12.07 -20.36
C HIS C 126 -8.60 12.80 -21.71
N ASP C 127 -8.83 12.07 -22.78
CA ASP C 127 -9.15 12.62 -24.12
C ASP C 127 -10.14 13.80 -24.04
N ASP C 128 -11.11 13.78 -23.12
CA ASP C 128 -12.09 14.89 -22.97
C ASP C 128 -11.43 16.20 -22.58
N ILE C 129 -10.31 16.22 -21.86
CA ILE C 129 -9.70 17.51 -21.41
C ILE C 129 -8.27 17.66 -21.85
N VAL C 130 -7.80 16.84 -22.78
CA VAL C 130 -6.35 16.89 -23.15
C VAL C 130 -6.04 18.22 -23.86
N LYS C 131 -7.06 18.93 -24.34
CA LYS C 131 -6.86 20.27 -24.95
C LYS C 131 -6.21 21.20 -23.94
N ASP C 132 -6.39 20.94 -22.64
CA ASP C 132 -5.89 21.78 -21.52
C ASP C 132 -4.55 21.29 -20.98
N LYS C 133 -4.02 20.21 -21.53
CA LYS C 133 -2.73 19.67 -21.06
C LYS C 133 -1.61 20.59 -21.50
N PRO C 134 -0.67 20.96 -20.61
CA PRO C 134 0.51 21.71 -21.03
C PRO C 134 1.36 20.92 -22.03
N GLU C 135 1.95 21.62 -23.00
CA GLU C 135 2.87 21.02 -23.99
C GLU C 135 4.04 20.41 -23.23
N GLY C 136 4.58 19.30 -23.72
CA GLY C 136 5.75 18.63 -23.09
C GLY C 136 5.36 17.70 -21.95
N MET C 137 4.10 17.63 -21.54
CA MET C 137 3.66 16.60 -20.56
C MET C 137 3.03 15.44 -21.31
N PRO C 138 3.31 14.18 -20.93
CA PRO C 138 2.64 13.05 -21.52
C PRO C 138 1.17 13.09 -21.11
N GLN C 139 0.32 12.54 -21.97
CA GLN C 139 -1.15 12.48 -21.73
C GLN C 139 -1.44 11.55 -20.53
N GLN C 140 -0.72 10.43 -20.43
CA GLN C 140 -0.93 9.49 -19.27
C GLN C 140 0.40 8.85 -18.87
N PHE C 141 0.62 8.73 -17.57
CA PHE C 141 1.98 8.49 -17.07
C PHE C 141 1.89 7.76 -15.74
N TRP C 142 2.97 7.05 -15.46
CA TRP C 142 3.32 6.51 -14.13
C TRP C 142 4.50 7.27 -13.57
N GLU C 143 4.60 7.36 -12.24
CA GLU C 143 5.77 7.96 -11.60
C GLU C 143 5.85 7.35 -10.21
N SER C 144 7.06 7.10 -9.72
CA SER C 144 7.21 6.64 -8.32
C SER C 144 8.33 7.44 -7.69
N GLY C 145 8.21 7.65 -6.40
CA GLY C 145 9.26 8.32 -5.67
C GLY C 145 9.29 7.92 -4.23
N ILE C 146 10.38 8.26 -3.57
CA ILE C 146 10.63 7.94 -2.13
C ILE C 146 10.54 9.23 -1.35
N TYR C 147 9.86 9.17 -0.20
CA TYR C 147 9.85 10.27 0.79
C TYR C 147 10.80 9.92 1.93
N GLU C 148 11.65 10.88 2.32
CA GLU C 148 12.33 10.84 3.64
C GLU C 148 12.03 12.16 4.34
N ASN C 149 11.06 12.13 5.24
CA ASN C 149 10.38 13.32 5.77
C ASN C 149 10.81 13.55 7.21
N ASP C 150 10.59 14.76 7.72
CA ASP C 150 10.83 15.16 9.14
C ASP C 150 9.52 15.66 9.70
N TYR C 151 9.33 15.41 11.00
CA TYR C 151 8.09 15.75 11.72
C TYR C 151 8.46 16.48 12.99
N VAL C 152 7.51 17.28 13.47
CA VAL C 152 7.64 17.96 14.79
C VAL C 152 6.34 17.77 15.54
N LYS C 153 6.43 17.59 16.85
CA LYS C 153 5.26 17.52 17.72
C LYS C 153 5.14 18.88 18.42
N GLU C 154 4.15 19.67 18.03
CA GLU C 154 3.94 21.06 18.52
C GLU C 154 2.66 21.08 19.33
N ASP C 155 2.75 21.43 20.61
CA ASP C 155 1.57 21.56 21.48
C ASP C 155 0.83 20.23 21.45
N GLY C 156 1.56 19.13 21.43
CA GLY C 156 0.93 17.79 21.46
C GLY C 156 0.42 17.31 20.10
N VAL C 157 0.62 18.07 19.02
CA VAL C 157 0.10 17.71 17.65
C VAL C 157 1.29 17.50 16.71
N TRP C 158 1.33 16.36 16.04
CA TRP C 158 2.35 16.05 15.01
C TRP C 158 2.03 16.82 13.73
N LYS C 159 3.04 17.45 13.17
CA LYS C 159 2.95 18.20 11.91
C LYS C 159 4.16 17.88 11.05
N ILE C 160 4.03 18.16 9.76
CA ILE C 160 5.16 17.97 8.82
C ILE C 160 6.13 19.13 8.98
N LYS C 161 7.39 18.80 9.25
CA LYS C 161 8.47 19.79 9.32
C LYS C 161 9.21 19.85 7.97
N ARG C 162 9.41 18.70 7.32
CA ARG C 162 10.09 18.70 6.01
C ARG C 162 9.52 17.54 5.20
N LEU C 163 8.96 17.88 4.04
CA LEU C 163 8.44 16.85 3.11
C LEU C 163 9.37 16.80 1.92
N ASP C 164 10.05 15.69 1.76
CA ASP C 164 11.13 15.54 0.76
C ASP C 164 10.80 14.31 -0.08
N TYR C 165 10.20 14.59 -1.22
CA TYR C 165 9.84 13.58 -2.23
C TYR C 165 10.92 13.52 -3.29
N MET C 166 11.54 12.35 -3.45
CA MET C 166 12.61 12.17 -4.43
C MET C 166 12.11 11.21 -5.51
N MET C 167 11.78 11.75 -6.66
CA MET C 167 11.26 10.96 -7.80
C MET C 167 12.33 9.93 -8.19
N GLN C 168 11.94 8.69 -8.37
CA GLN C 168 12.87 7.62 -8.71
C GLN C 168 12.73 7.24 -10.17
N TRP C 169 11.50 7.23 -10.69
CA TRP C 169 11.29 6.88 -12.11
C TRP C 169 9.98 7.50 -12.56
N GLN C 170 9.86 7.60 -13.88
CA GLN C 170 8.66 8.10 -14.56
C GLN C 170 8.56 7.31 -15.85
N ALA C 171 7.35 7.20 -16.36
CA ALA C 171 7.08 6.54 -17.64
C ALA C 171 5.87 7.18 -18.29
N ASP C 172 5.92 7.31 -19.59
CA ASP C 172 4.70 7.42 -20.43
C ASP C 172 3.99 6.08 -20.36
N TYR C 173 2.68 6.08 -20.15
CA TYR C 173 1.89 4.84 -20.06
C TYR C 173 2.22 3.92 -21.22
N GLU C 174 2.28 4.48 -22.43
CA GLU C 174 2.35 3.72 -23.68
C GLU C 174 3.74 3.05 -23.77
N THR C 175 4.80 3.68 -23.32
CA THR C 175 6.16 3.16 -23.64
C THR C 175 6.85 2.54 -22.44
N GLY C 176 6.54 2.92 -21.20
CA GLY C 176 7.14 2.32 -20.01
C GLY C 176 8.47 2.92 -19.59
N TRP C 177 8.90 2.58 -18.37
CA TRP C 177 10.04 3.22 -17.68
C TRP C 177 11.34 2.97 -18.47
N SER C 178 11.46 1.86 -19.17
CA SER C 178 12.69 1.53 -19.93
C SER C 178 12.94 2.50 -21.08
N LYS C 179 11.93 3.23 -21.53
CA LYS C 179 12.03 4.09 -22.74
C LYS C 179 12.08 5.58 -22.41
N THR C 180 12.06 5.98 -21.14
CA THR C 180 12.05 7.40 -20.71
C THR C 180 13.37 8.11 -21.10
N ILE C 181 13.27 9.28 -21.73
CA ILE C 181 14.45 10.09 -22.14
C ILE C 181 14.92 10.94 -20.97
N ALA C 182 16.21 10.86 -20.65
CA ALA C 182 16.88 11.71 -19.63
C ALA C 182 16.67 13.17 -20.06
N HIS C 183 16.36 14.07 -19.16
CA HIS C 183 16.26 15.53 -19.46
C HIS C 183 17.07 16.28 -18.40
N LEU C 184 18.06 17.08 -18.84
CA LEU C 184 18.97 17.81 -17.90
C LEU C 184 18.11 18.84 -17.16
N GLN C 185 18.22 18.82 -15.83
CA GLN C 185 17.47 19.66 -14.86
C GLN C 185 18.21 20.98 -14.61
N PRO C 186 17.80 22.15 -15.18
CA PRO C 186 18.48 23.42 -14.91
C PRO C 186 18.28 23.85 -13.44
N ALA C 187 19.15 24.72 -12.91
CA ALA C 187 19.01 25.21 -11.51
C ALA C 187 17.73 26.07 -11.47
N ALA C 188 16.97 26.00 -10.38
CA ALA C 188 15.73 26.78 -10.23
C ALA C 188 16.15 28.22 -9.94
N VAL C 189 15.32 29.17 -10.34
CA VAL C 189 15.35 30.56 -9.86
C VAL C 189 14.39 30.62 -8.69
N CYS C 190 14.79 31.27 -7.60
CA CYS C 190 13.96 31.39 -6.39
C CYS C 190 12.80 32.37 -6.59
N PHE C 191 11.71 32.09 -5.89
CA PHE C 191 10.72 33.10 -5.50
C PHE C 191 11.47 34.21 -4.74
N PRO C 192 11.09 35.50 -4.86
CA PRO C 192 9.99 35.95 -5.71
C PRO C 192 10.26 36.24 -7.20
N GLU C 193 11.51 36.24 -7.64
CA GLU C 193 11.81 36.56 -9.04
C GLU C 193 11.12 35.56 -9.95
N ASN C 194 11.11 34.29 -9.50
CA ASN C 194 10.32 33.21 -10.13
C ASN C 194 9.06 33.07 -9.32
N PRO C 195 7.90 33.45 -9.85
CA PRO C 195 6.65 33.42 -9.09
C PRO C 195 6.23 32.03 -8.57
N ILE C 196 6.74 30.96 -9.15
CA ILE C 196 6.44 29.58 -8.66
C ILE C 196 7.72 28.92 -8.15
N GLY C 197 8.77 29.71 -7.86
CA GLY C 197 10.06 29.15 -7.45
C GLY C 197 10.12 28.82 -5.97
N PRO C 198 11.18 28.11 -5.53
CA PRO C 198 11.43 27.91 -4.11
C PRO C 198 11.85 29.19 -3.36
N ASP C 199 11.68 29.19 -2.05
CA ASP C 199 12.17 30.28 -1.17
C ASP C 199 13.68 30.26 -1.14
N ARG C 200 14.29 29.08 -1.17
CA ARG C 200 15.77 28.98 -1.08
C ARG C 200 16.22 27.71 -1.80
N LEU C 201 17.48 27.68 -2.22
CA LEU C 201 18.06 26.51 -2.91
C LEU C 201 18.73 25.59 -1.89
N LEU C 202 18.82 24.30 -2.21
CA LEU C 202 19.65 23.31 -1.48
C LEU C 202 21.07 23.44 -2.01
N PRO C 203 22.12 23.02 -1.26
CA PRO C 203 23.45 22.83 -1.87
C PRO C 203 23.50 21.82 -3.02
N GLU C 204 24.46 21.95 -3.95
CA GLU C 204 24.82 20.91 -4.96
C GLU C 204 23.70 20.82 -6.00
N ARG C 208 20.01 17.04 -8.14
CA ARG C 208 19.67 15.61 -8.41
C ARG C 208 19.19 15.56 -9.87
N GLN C 209 19.90 14.80 -10.72
CA GLN C 209 19.47 14.45 -12.10
C GLN C 209 18.61 13.17 -12.02
N THR C 210 17.81 12.93 -13.05
CA THR C 210 16.62 12.05 -12.92
C THR C 210 16.85 10.73 -13.66
N TRP C 211 15.93 9.78 -13.43
CA TRP C 211 15.84 8.48 -14.10
C TRP C 211 16.09 8.68 -15.58
N PRO C 212 16.98 7.95 -16.26
CA PRO C 212 17.62 6.73 -15.77
C PRO C 212 18.75 6.84 -14.74
N HIS C 213 19.22 8.04 -14.48
CA HIS C 213 20.20 8.27 -13.40
C HIS C 213 19.56 7.88 -12.08
N ARG C 214 20.33 7.20 -11.21
CA ARG C 214 19.84 6.84 -9.86
C ARG C 214 20.80 7.33 -8.81
N ALA C 215 20.29 7.56 -7.63
CA ALA C 215 21.07 7.94 -6.42
C ALA C 215 20.34 7.35 -5.24
N GLU C 216 21.05 6.70 -4.34
CA GLU C 216 20.47 6.20 -3.09
C GLU C 216 19.78 7.34 -2.37
N VAL C 217 18.68 7.00 -1.72
CA VAL C 217 18.07 7.80 -0.64
C VAL C 217 18.40 7.07 0.63
N PRO C 218 19.40 7.51 1.40
CA PRO C 218 19.78 6.78 2.62
C PRO C 218 18.57 6.50 3.50
N MET C 219 18.53 5.36 4.14
CA MET C 219 17.40 4.98 5.03
C MET C 219 17.49 5.87 6.26
N SER C 220 16.37 6.43 6.71
CA SER C 220 16.30 7.18 7.97
C SER C 220 16.29 6.20 9.15
N PHE C 221 15.96 4.94 8.93
CA PHE C 221 15.77 3.93 9.99
C PHE C 221 17.06 3.11 10.13
N ALA C 222 17.32 2.75 11.39
CA ALA C 222 18.37 1.79 11.79
C ALA C 222 17.96 0.42 11.29
N HIS C 223 18.91 -0.46 11.03
CA HIS C 223 18.58 -1.88 10.77
C HIS C 223 17.68 -2.42 11.87
N PRO C 224 16.51 -2.99 11.54
CA PRO C 224 15.55 -3.36 12.57
C PRO C 224 15.92 -4.56 13.46
N VAL C 225 16.90 -5.36 13.05
CA VAL C 225 17.37 -6.53 13.83
C VAL C 225 18.75 -6.19 14.42
N LEU C 226 19.69 -5.74 13.62
CA LEU C 226 21.09 -5.61 14.07
C LEU C 226 21.39 -4.21 14.64
N ALA C 227 20.56 -3.20 14.34
CA ALA C 227 20.74 -1.82 14.80
C ALA C 227 22.13 -1.31 14.39
N LYS C 228 22.82 -0.60 15.30
CA LYS C 228 24.14 0.01 15.02
C LYS C 228 25.22 -1.07 14.78
N ALA C 229 25.02 -2.30 15.28
CA ALA C 229 25.94 -3.43 15.06
C ALA C 229 25.96 -3.86 13.59
N PHE C 230 25.00 -3.44 12.75
CA PHE C 230 24.96 -3.87 11.32
C PHE C 230 26.26 -3.44 10.63
N ALA C 231 26.99 -4.40 10.06
CA ALA C 231 28.20 -4.11 9.24
C ALA C 231 28.08 -4.82 7.90
N VAL C 232 28.10 -4.08 6.80
CA VAL C 232 27.92 -4.64 5.42
C VAL C 232 29.01 -5.69 5.16
N GLY C 233 30.28 -5.32 5.33
CA GLY C 233 31.44 -6.10 4.85
C GLY C 233 31.44 -7.53 5.36
N GLU C 234 30.98 -7.74 6.61
CA GLU C 234 30.86 -9.07 7.28
C GLU C 234 30.02 -9.99 6.38
N PHE C 235 28.88 -9.47 5.92
CA PHE C 235 27.92 -10.23 5.08
C PHE C 235 28.47 -10.34 3.65
N THR C 236 29.12 -9.29 3.10
CA THR C 236 29.53 -9.30 1.66
C THR C 236 30.47 -10.49 1.40
N LYS C 237 31.27 -10.87 2.41
CA LYS C 237 32.20 -12.03 2.36
C LYS C 237 31.46 -13.31 1.92
N LEU C 238 30.15 -13.45 2.21
CA LEU C 238 29.34 -14.69 1.95
C LEU C 238 28.91 -14.75 0.47
N GLN C 239 29.03 -13.65 -0.28
CA GLN C 239 28.57 -13.60 -1.69
C GLN C 239 29.71 -13.98 -2.63
N LYS C 240 29.43 -14.60 -3.78
CA LYS C 240 30.45 -15.02 -4.82
C LYS C 240 30.11 -14.34 -6.15
N LYS C 241 31.00 -14.41 -7.14
CA LYS C 241 30.74 -13.96 -8.54
C LYS C 241 29.93 -15.06 -9.25
N TRP C 242 29.10 -14.70 -10.25
CA TRP C 242 28.26 -15.66 -11.02
C TRP C 242 27.89 -15.08 -12.38
C1 LJU D . 12.46 -14.30 -2.73
C2 LJU D . 11.94 -12.22 -3.78
C3 LJU D . 12.24 -12.48 -5.11
C4 LJU D . 11.62 -11.77 -6.12
C5 LJU D . 11.96 -12.06 -7.57
C6 LJU D . 12.28 -10.81 -8.41
C10 LJU D . 12.21 -11.42 -12.14
C11 LJU D . 13.27 -12.27 -12.34
C12 LJU D . 14.02 -12.71 -11.23
C13 LJU D . 15.72 -14.18 -10.44
C16 LJU D . 10.28 -10.64 -4.49
C17 LJU D . 10.98 -11.26 -3.47
O1 LJU D . 12.45 -12.89 -2.69
O2 LJU D . 10.79 -12.50 -8.24
C7 LJU D . 13.32 -9.90 -7.76
O3 LJU D . 14.47 -10.49 -7.13
C8 LJU D . 12.67 -11.33 -9.78
C9 LJU D . 11.90 -10.97 -10.88
O4 LJU D . 13.60 -12.58 -13.61
O5 LJU D . 14.96 -13.65 -11.52
C14 LJU D . 13.74 -12.22 -9.96
C15 LJU D . 10.64 -10.85 -5.82
O6 LJU D . 10.70 -10.95 -2.19
H1 LJU D . 13.30 -14.71 -3.28
H2 LJU D . 12.56 -14.58 -1.68
H3 LJU D . 11.53 -14.72 -3.11
H4 LJU D . 12.97 -13.25 -5.38
H5 LJU D . 12.71 -12.83 -7.65
H6 LJU D . 11.37 -10.25 -8.51
H7 LJU D . 11.61 -11.11 -13.00
H8 LJU D . 16.46 -14.92 -10.77
H9 LJU D . 16.25 -13.31 -10.04
H10 LJU D . 15.10 -14.62 -9.65
H11 LJU D . 9.36 -10.14 -4.25
H12 LJU D . 10.55 -11.93 -8.97
H13 LJU D . 12.83 -9.21 -7.08
H14 LJU D . 13.79 -9.27 -8.52
H15 LJU D . 14.42 -11.43 -7.33
H16 LJU D . 11.04 -10.32 -10.75
H17 LJU D . 12.85 -13.13 -13.98
H18 LJU D . 14.33 -12.49 -9.08
H19 LJU D . 10.13 -10.31 -6.61
H20 LJU D . 9.98 -10.29 -2.19
#